data_5U6M
#
_entry.id   5U6M
#
_cell.length_a   65.694
_cell.length_b   87.681
_cell.length_c   164.250
_cell.angle_alpha   90.00
_cell.angle_beta   90.00
_cell.angle_gamma   90.00
#
_symmetry.space_group_name_H-M   'P 21 21 21'
#
loop_
_entity.id
_entity.type
_entity.pdbx_description
1 polymer 'UDP-glycosyltransferase 74F2'
2 non-polymer beta-D-glucopyranose
3 non-polymer "URIDINE-5'-DIPHOSPHATE"
4 non-polymer '2-HYDROXYBENZOIC ACID'
5 water water
#
_entity_poly.entity_id   1
_entity_poly.type   'polypeptide(L)'
_entity_poly.pdbx_seq_one_letter_code
;MEHKRGHVLAVPYPTQGHITPFRQFCKRLHFKGLKTTLALTTFVFNSINPDLSGPISIATISDGYDHGGFETADSIDDYL
KDFKTSGSKTIADIIQKHQTSDNPITCIVYDAFLPWALDVAREFGLVATPFFTQPCAVNYVYYLSYINNGSLQLPIEELP
FLELQDLPSFFSVSGSYPAYFEMVLQQFINFEKADFVLVNSFQELELHENELWSKACPVLTIGPTIPSIYLDQRIKSDTG
YDLNLFESKDDSFCINWLDTRPQGSVVYVAFGSMAQLTNVQMEELASAVSNFSFLWVVRSSEEEKLPSGFLETVNKEKSL
VLKWSPQLQVLSNKAIGCFLTHCGWNSTMEALTFGVPMVAMPQWTDQPMNAKYIQDVWKAGVRVKTEKESGIAKREEIEF
SIKEVMEGERSKEMKKNVKKWRDLAVKSLNEGGSTDTNIDTFVSRVQSK
;
_entity_poly.pdbx_strand_id   A,B
#
loop_
_chem_comp.id
_chem_comp.type
_chem_comp.name
_chem_comp.formula
BGC D-saccharide, beta linking beta-D-glucopyranose 'C6 H12 O6'
SAL non-polymer '2-HYDROXYBENZOIC ACID' 'C7 H6 O3'
UDP RNA linking URIDINE-5'-DIPHOSPHATE 'C9 H14 N2 O12 P2'
#
# COMPACT_ATOMS: atom_id res chain seq x y z
N GLY A 6 -7.92 20.74 4.29
CA GLY A 6 -6.60 20.74 3.68
C GLY A 6 -6.01 19.36 3.48
N HIS A 7 -5.28 19.17 2.37
CA HIS A 7 -4.80 17.85 1.97
C HIS A 7 -3.55 18.03 1.11
N VAL A 8 -2.45 17.41 1.52
CA VAL A 8 -1.15 17.60 0.87
C VAL A 8 -0.72 16.31 0.20
N LEU A 9 -0.42 16.40 -1.09
CA LEU A 9 0.25 15.33 -1.82
C LEU A 9 1.77 15.53 -1.77
N ALA A 10 2.47 14.53 -1.23
CA ALA A 10 3.89 14.57 -0.90
C ALA A 10 4.69 13.64 -1.80
N VAL A 11 5.52 14.20 -2.69
CA VAL A 11 6.22 13.44 -3.74
C VAL A 11 7.74 13.43 -3.55
N PRO A 12 8.27 12.49 -2.77
CA PRO A 12 9.74 12.38 -2.63
C PRO A 12 10.42 11.93 -3.91
N TYR A 13 11.71 12.26 -4.03
CA TYR A 13 12.55 11.55 -4.97
C TYR A 13 12.71 10.13 -4.47
N PRO A 14 12.74 9.11 -5.37
CA PRO A 14 12.67 7.69 -4.95
C PRO A 14 13.96 7.11 -4.40
N THR A 15 14.54 7.76 -3.42
CA THR A 15 15.62 7.16 -2.65
C THR A 15 15.40 7.37 -1.17
N GLN A 16 16.09 6.55 -0.37
CA GLN A 16 15.89 6.53 1.08
C GLN A 16 16.12 7.90 1.67
N GLY A 17 17.18 8.59 1.24
CA GLY A 17 17.55 9.87 1.82
C GLY A 17 16.51 10.96 1.59
N HIS A 18 15.69 10.84 0.56
CA HIS A 18 14.63 11.80 0.37
C HIS A 18 13.30 11.34 0.96
N ILE A 19 13.04 10.02 0.88
CA ILE A 19 11.77 9.49 1.36
C ILE A 19 11.59 9.72 2.85
N THR A 20 12.64 9.52 3.66
CA THR A 20 12.34 9.57 5.09
C THR A 20 12.07 11.00 5.57
N PRO A 21 12.80 12.03 5.12
CA PRO A 21 12.34 13.38 5.51
C PRO A 21 10.95 13.67 5.02
N PHE A 22 10.59 13.16 3.84
CA PHE A 22 9.25 13.41 3.34
C PHE A 22 8.21 12.75 4.23
N ARG A 23 8.48 11.52 4.65
CA ARG A 23 7.57 10.83 5.56
C ARG A 23 7.51 11.54 6.91
N GLN A 24 8.67 11.83 7.48
CA GLN A 24 8.69 12.42 8.81
C GLN A 24 7.97 13.77 8.82
N PHE A 25 8.23 14.60 7.80
CA PHE A 25 7.49 15.84 7.64
C PHE A 25 5.98 15.59 7.61
N CYS A 26 5.53 14.54 6.89
CA CYS A 26 4.10 14.24 6.85
C CYS A 26 3.55 13.88 8.24
N LYS A 27 4.31 13.14 9.04
CA LYS A 27 3.87 12.86 10.39
C LYS A 27 3.63 14.16 11.14
N ARG A 28 4.52 15.15 10.99
CA ARG A 28 4.29 16.45 11.62
C ARG A 28 3.05 17.13 11.06
N LEU A 29 2.79 16.97 9.75
CA LEU A 29 1.60 17.58 9.16
C LEU A 29 0.34 16.96 9.74
N HIS A 30 0.36 15.64 9.94
CA HIS A 30 -0.77 14.94 10.51
C HIS A 30 -0.98 15.38 11.96
N PHE A 31 0.10 15.41 12.75
CA PHE A 31 0.04 15.94 14.11
C PHE A 31 -0.65 17.30 14.16
N LYS A 32 -0.42 18.14 13.16
CA LYS A 32 -0.98 19.49 13.15
C LYS A 32 -2.32 19.58 12.43
N GLY A 33 -2.95 18.45 12.12
CA GLY A 33 -4.30 18.47 11.56
C GLY A 33 -4.39 18.54 10.05
N LEU A 34 -3.33 18.18 9.33
CA LEU A 34 -3.30 18.26 7.89
C LEU A 34 -3.30 16.86 7.31
N LYS A 35 -4.22 16.60 6.38
CA LYS A 35 -4.24 15.34 5.68
C LYS A 35 -3.09 15.29 4.68
N THR A 36 -2.40 14.16 4.64
CA THR A 36 -1.34 13.98 3.65
C THR A 36 -1.44 12.62 2.99
N THR A 37 -1.21 12.62 1.69
CA THR A 37 -1.04 11.43 0.90
C THR A 37 0.37 11.45 0.35
N LEU A 38 1.11 10.38 0.58
CA LEU A 38 2.49 10.25 0.15
C LEU A 38 2.55 9.47 -1.17
N ALA A 39 3.16 10.07 -2.20
CA ALA A 39 3.23 9.48 -3.54
C ALA A 39 4.54 8.71 -3.73
N LEU A 40 4.47 7.39 -3.64
CA LEU A 40 5.62 6.51 -3.90
C LEU A 40 5.56 5.99 -5.32
N THR A 41 6.73 5.84 -5.95
CA THR A 41 6.79 5.07 -7.20
C THR A 41 6.45 3.61 -6.94
N THR A 42 5.90 2.92 -7.94
CA THR A 42 5.49 1.54 -7.69
C THR A 42 6.70 0.65 -7.53
N PHE A 43 7.83 1.01 -8.16
CA PHE A 43 9.07 0.29 -7.87
C PHE A 43 9.38 0.33 -6.39
N VAL A 44 9.29 1.52 -5.80
CA VAL A 44 9.58 1.65 -4.38
C VAL A 44 8.51 0.94 -3.56
N PHE A 45 7.23 1.19 -3.88
CA PHE A 45 6.13 0.67 -3.06
C PHE A 45 6.15 -0.85 -2.98
N ASN A 46 6.63 -1.54 -4.01
CA ASN A 46 6.75 -2.98 -3.88
C ASN A 46 8.06 -3.39 -3.24
N SER A 47 8.91 -2.43 -2.88
CA SER A 47 10.16 -2.73 -2.24
C SER A 47 10.16 -2.41 -0.74
N ILE A 48 9.27 -1.49 -0.32
CA ILE A 48 8.89 -1.28 1.09
C ILE A 48 8.37 -2.59 1.73
N ASN A 49 8.52 -2.66 3.06
CA ASN A 49 7.99 -3.74 3.90
C ASN A 49 7.08 -3.15 4.98
N PRO A 50 5.82 -2.80 4.66
CA PRO A 50 5.14 -1.73 5.43
C PRO A 50 4.82 -2.03 6.88
N ASP A 51 5.85 -1.96 7.75
CA ASP A 51 5.68 -1.86 9.20
C ASP A 51 5.67 -0.38 9.54
N LEU A 52 4.54 0.12 10.02
CA LEU A 52 4.32 1.56 10.19
C LEU A 52 4.52 2.00 11.64
N SER A 53 4.72 3.31 11.81
CA SER A 53 4.74 3.98 13.11
C SER A 53 3.89 5.24 13.05
N GLY A 54 2.83 5.19 12.24
CA GLY A 54 1.81 6.20 12.23
C GLY A 54 0.76 5.83 11.19
N PRO A 55 -0.39 6.50 11.21
CA PRO A 55 -1.30 6.39 10.06
C PRO A 55 -0.60 6.85 8.79
N ILE A 56 -0.86 6.15 7.70
CA ILE A 56 -0.20 6.47 6.44
C ILE A 56 -1.17 6.23 5.30
N SER A 57 -1.22 7.18 4.39
CA SER A 57 -1.95 7.04 3.15
C SER A 57 -0.94 7.12 2.01
N ILE A 58 -0.97 6.13 1.13
CA ILE A 58 -0.01 6.03 0.03
C ILE A 58 -0.76 5.93 -1.29
N ALA A 59 -0.30 6.68 -2.26
CA ALA A 59 -0.72 6.61 -3.63
C ALA A 59 0.49 6.20 -4.45
N THR A 60 0.28 5.46 -5.54
CA THR A 60 1.40 5.02 -6.34
C THR A 60 1.47 5.83 -7.61
N ILE A 61 2.69 6.18 -7.99
CA ILE A 61 3.00 6.89 -9.22
C ILE A 61 4.12 6.13 -9.90
N SER A 62 4.47 6.57 -11.11
CA SER A 62 5.47 5.81 -11.85
C SER A 62 6.54 6.73 -12.37
N ASP A 63 7.77 6.27 -12.25
CA ASP A 63 8.93 6.89 -12.86
C ASP A 63 9.25 6.27 -14.22
N GLY A 64 8.50 5.24 -14.62
CA GLY A 64 8.76 4.52 -15.85
C GLY A 64 9.68 3.32 -15.73
N TYR A 65 9.89 2.81 -14.52
CA TYR A 65 10.80 1.70 -14.29
C TYR A 65 10.25 0.84 -13.17
N ASP A 66 8.93 0.55 -13.23
CA ASP A 66 8.25 -0.17 -12.17
C ASP A 66 8.94 -1.50 -11.85
N HIS A 67 9.50 -2.18 -12.86
CA HIS A 67 10.09 -3.50 -12.67
C HIS A 67 11.48 -3.40 -12.05
N GLY A 68 12.42 -2.76 -12.75
CA GLY A 68 13.82 -2.79 -12.40
C GLY A 68 14.34 -1.59 -11.63
N GLY A 69 13.62 -0.46 -11.69
CA GLY A 69 14.07 0.77 -11.05
C GLY A 69 15.22 1.41 -11.83
N PHE A 70 15.93 2.31 -11.14
CA PHE A 70 16.99 3.09 -11.80
C PHE A 70 17.96 2.20 -12.58
N GLU A 71 18.42 1.11 -11.95
CA GLU A 71 19.51 0.33 -12.53
C GLU A 71 19.16 -0.27 -13.89
N THR A 72 17.89 -0.26 -14.28
CA THR A 72 17.47 -0.77 -15.58
C THR A 72 17.39 0.31 -16.65
N ALA A 73 17.63 1.57 -16.30
CA ALA A 73 17.60 2.66 -17.26
C ALA A 73 18.90 2.66 -18.08
N ASP A 74 18.81 3.24 -19.28
CA ASP A 74 19.98 3.27 -20.17
C ASP A 74 21.01 4.28 -19.70
N SER A 75 20.58 5.32 -18.98
CA SER A 75 21.45 6.39 -18.54
C SER A 75 20.72 7.15 -17.43
N ILE A 76 21.49 7.91 -16.64
CA ILE A 76 20.88 8.76 -15.64
C ILE A 76 19.98 9.79 -16.31
N ASP A 77 20.38 10.33 -17.45
CA ASP A 77 19.57 11.39 -18.04
C ASP A 77 18.31 10.84 -18.70
N ASP A 78 18.34 9.59 -19.16
CA ASP A 78 17.11 8.94 -19.59
C ASP A 78 16.13 8.81 -18.41
N TYR A 79 16.63 8.37 -17.25
CA TYR A 79 15.76 8.15 -16.09
C TYR A 79 15.00 9.42 -15.73
N LEU A 80 15.72 10.54 -15.64
CA LEU A 80 15.11 11.80 -15.28
C LEU A 80 14.02 12.21 -16.26
N LYS A 81 14.27 12.06 -17.56
CA LYS A 81 13.28 12.55 -18.52
C LYS A 81 12.07 11.64 -18.59
N ASP A 82 12.29 10.32 -18.52
CA ASP A 82 11.17 9.38 -18.38
C ASP A 82 10.38 9.66 -17.12
N PHE A 83 11.10 9.92 -16.01
CA PHE A 83 10.43 10.23 -14.76
C PHE A 83 9.55 11.46 -14.93
N LYS A 84 10.03 12.47 -15.65
CA LYS A 84 9.19 13.66 -15.80
C LYS A 84 7.92 13.34 -16.58
N THR A 85 8.03 12.55 -17.65
CA THR A 85 6.87 12.21 -18.47
C THR A 85 5.90 11.31 -17.68
N SER A 86 6.38 10.16 -17.19
CA SER A 86 5.49 9.25 -16.48
C SER A 86 5.00 9.86 -15.16
N GLY A 87 5.87 10.61 -14.49
CA GLY A 87 5.52 11.19 -13.19
C GLY A 87 4.45 12.25 -13.31
N SER A 88 4.55 13.11 -14.33
CA SER A 88 3.50 14.11 -14.58
C SER A 88 2.14 13.45 -14.79
N LYS A 89 2.10 12.33 -15.53
CA LYS A 89 0.81 11.69 -15.77
C LYS A 89 0.30 11.04 -14.49
N THR A 90 1.13 10.23 -13.84
CA THR A 90 0.69 9.53 -12.64
C THR A 90 0.29 10.50 -11.53
N ILE A 91 0.99 11.64 -11.39
CA ILE A 91 0.63 12.59 -10.33
C ILE A 91 -0.70 13.23 -10.64
N ALA A 92 -0.86 13.73 -11.86
CA ALA A 92 -2.15 14.24 -12.33
C ALA A 92 -3.31 13.31 -11.96
N ASP A 93 -3.14 12.00 -12.17
CA ASP A 93 -4.25 11.09 -11.93
C ASP A 93 -4.62 11.02 -10.47
N ILE A 94 -3.63 11.07 -9.57
CA ILE A 94 -3.97 11.13 -8.15
C ILE A 94 -4.79 12.38 -7.87
N ILE A 95 -4.41 13.51 -8.45
CA ILE A 95 -5.15 14.74 -8.20
C ILE A 95 -6.58 14.60 -8.71
N GLN A 96 -6.71 14.17 -9.97
CA GLN A 96 -8.03 14.04 -10.59
C GLN A 96 -8.93 13.13 -9.76
N LYS A 97 -8.46 11.90 -9.52
CA LYS A 97 -9.25 10.94 -8.77
C LYS A 97 -9.74 11.47 -7.42
N HIS A 98 -8.93 12.29 -6.75
CA HIS A 98 -9.35 12.75 -5.43
C HIS A 98 -10.25 13.97 -5.48
N GLN A 99 -10.43 14.60 -6.65
CA GLN A 99 -11.23 15.82 -6.71
C GLN A 99 -12.63 15.59 -6.16
N THR A 100 -13.27 14.47 -6.54
CA THR A 100 -14.59 14.12 -6.03
C THR A 100 -14.42 13.09 -4.91
N SER A 101 -14.09 13.61 -3.73
CA SER A 101 -13.86 12.78 -2.57
C SER A 101 -14.04 13.65 -1.33
N ASP A 102 -13.92 13.02 -0.17
CA ASP A 102 -14.09 13.74 1.09
C ASP A 102 -13.08 14.87 1.23
N ASN A 103 -11.89 14.69 0.68
CA ASN A 103 -10.80 15.67 0.79
C ASN A 103 -10.02 15.71 -0.52
N PRO A 104 -10.46 16.54 -1.47
CA PRO A 104 -9.64 16.78 -2.65
C PRO A 104 -8.32 17.44 -2.27
N ILE A 105 -7.29 17.13 -3.04
CA ILE A 105 -5.95 17.62 -2.71
C ILE A 105 -5.91 19.11 -2.94
N THR A 106 -5.25 19.83 -2.01
CA THR A 106 -5.09 21.28 -2.04
C THR A 106 -3.64 21.74 -2.25
N CYS A 107 -2.66 20.87 -2.03
CA CYS A 107 -1.27 21.32 -2.11
C CYS A 107 -0.33 20.15 -2.46
N ILE A 108 0.56 20.39 -3.41
CA ILE A 108 1.62 19.45 -3.74
C ILE A 108 2.90 19.92 -3.08
N VAL A 109 3.44 19.10 -2.19
CA VAL A 109 4.79 19.30 -1.67
C VAL A 109 5.67 18.30 -2.43
N TYR A 110 6.41 18.79 -3.43
CA TYR A 110 7.25 17.96 -4.28
C TYR A 110 8.73 18.16 -3.96
N ASP A 111 9.52 17.11 -4.18
CA ASP A 111 10.97 17.18 -4.04
C ASP A 111 11.52 18.25 -4.98
N ALA A 112 12.52 19.00 -4.48
CA ALA A 112 13.14 20.06 -5.28
C ALA A 112 13.82 19.49 -6.52
N PHE A 113 14.32 18.25 -6.45
CA PHE A 113 14.86 17.56 -7.63
C PHE A 113 13.82 17.29 -8.72
N LEU A 114 12.54 17.60 -8.48
CA LEU A 114 11.46 17.37 -9.44
C LEU A 114 10.69 18.65 -9.71
N PRO A 115 11.33 19.66 -10.31
CA PRO A 115 10.66 20.96 -10.44
C PRO A 115 9.43 20.92 -11.32
N TRP A 116 9.31 19.92 -12.20
CA TRP A 116 8.15 19.81 -13.09
C TRP A 116 6.85 19.53 -12.34
N ALA A 117 6.94 19.10 -11.09
CA ALA A 117 5.73 18.91 -10.30
C ALA A 117 5.00 20.22 -10.06
N LEU A 118 5.69 21.36 -10.14
CA LEU A 118 5.00 22.62 -9.96
C LEU A 118 4.02 22.85 -11.11
N ASP A 119 4.47 22.57 -12.32
CA ASP A 119 3.60 22.68 -13.50
C ASP A 119 2.32 21.91 -13.28
N VAL A 120 2.45 20.68 -12.77
CA VAL A 120 1.27 19.87 -12.50
C VAL A 120 0.44 20.50 -11.40
N ALA A 121 1.09 21.01 -10.37
CA ALA A 121 0.35 21.66 -9.29
C ALA A 121 -0.37 22.91 -9.77
N ARG A 122 0.22 23.62 -10.72
CA ARG A 122 -0.43 24.84 -11.21
C ARG A 122 -1.59 24.50 -12.16
N GLU A 123 -1.51 23.36 -12.85
CA GLU A 123 -2.55 23.00 -13.81
C GLU A 123 -3.87 22.68 -13.11
N PHE A 124 -3.82 22.25 -11.84
CA PHE A 124 -5.02 21.99 -11.05
C PHE A 124 -5.24 23.04 -9.97
N GLY A 125 -4.75 24.26 -10.19
CA GLY A 125 -4.90 25.31 -9.19
C GLY A 125 -4.49 24.93 -7.78
N LEU A 126 -3.37 24.22 -7.63
CA LEU A 126 -2.93 23.75 -6.33
C LEU A 126 -1.79 24.60 -5.79
N VAL A 127 -1.67 24.59 -4.46
CA VAL A 127 -0.51 25.18 -3.80
C VAL A 127 0.71 24.29 -4.02
N ALA A 128 1.82 24.90 -4.38
CA ALA A 128 3.04 24.19 -4.73
C ALA A 128 4.17 24.69 -3.82
N THR A 129 4.92 23.76 -3.26
CA THR A 129 6.12 24.11 -2.50
C THR A 129 7.18 23.03 -2.68
N PRO A 130 8.36 23.37 -3.22
CA PRO A 130 9.47 22.41 -3.23
C PRO A 130 9.99 22.12 -1.82
N PHE A 131 10.70 21.00 -1.71
CA PHE A 131 11.19 20.48 -0.45
C PHE A 131 12.64 20.14 -0.68
N PHE A 132 13.54 20.89 -0.05
CA PHE A 132 14.96 20.66 -0.19
C PHE A 132 15.45 19.80 0.96
N THR A 133 15.91 18.61 0.61
CA THR A 133 16.45 17.69 1.59
C THR A 133 17.90 18.00 1.93
N GLN A 134 18.51 18.96 1.28
CA GLN A 134 19.88 19.27 1.61
C GLN A 134 19.95 20.63 2.32
N PRO A 135 21.01 20.89 3.09
CA PRO A 135 21.03 22.10 3.92
C PRO A 135 21.03 23.39 3.10
N CYS A 136 20.69 24.49 3.79
CA CYS A 136 20.70 25.82 3.18
C CYS A 136 22.04 26.17 2.54
N ALA A 137 23.16 25.92 3.25
CA ALA A 137 24.47 26.27 2.70
C ALA A 137 24.67 25.64 1.34
N VAL A 138 24.38 24.35 1.21
CA VAL A 138 24.57 23.64 -0.06
C VAL A 138 23.70 24.25 -1.15
N ASN A 139 22.43 24.45 -0.85
CA ASN A 139 21.52 24.92 -1.91
C ASN A 139 21.81 26.35 -2.32
N TYR A 140 22.19 27.21 -1.35
CA TYR A 140 22.54 28.59 -1.71
C TYR A 140 23.72 28.63 -2.68
N VAL A 141 24.72 27.77 -2.43
CA VAL A 141 25.81 27.59 -3.40
C VAL A 141 25.25 27.23 -4.78
N TYR A 142 24.38 26.23 -4.84
CA TYR A 142 23.78 25.84 -6.12
C TYR A 142 22.99 26.99 -6.71
N TYR A 143 22.19 27.65 -5.86
CA TYR A 143 21.43 28.80 -6.33
C TYR A 143 22.32 29.85 -6.97
N LEU A 144 23.46 30.16 -6.35
CA LEU A 144 24.32 31.20 -6.93
C LEU A 144 24.85 30.79 -8.29
N SER A 145 25.02 29.49 -8.53
CA SER A 145 25.42 29.05 -9.86
C SER A 145 24.29 29.26 -10.86
N TYR A 146 23.04 29.03 -10.44
CA TYR A 146 21.92 29.12 -11.37
C TYR A 146 21.70 30.55 -11.86
N ILE A 147 21.78 31.54 -10.96
CA ILE A 147 21.62 32.93 -11.38
C ILE A 147 22.90 33.42 -12.04
N ASN A 148 23.97 32.64 -11.92
CA ASN A 148 25.06 32.71 -12.86
C ASN A 148 24.65 31.84 -14.04
N ASN A 149 25.59 31.22 -14.73
CA ASN A 149 25.13 30.25 -15.72
C ASN A 149 25.81 28.90 -15.56
N GLY A 150 25.81 28.37 -14.35
CA GLY A 150 26.30 27.03 -14.11
C GLY A 150 27.72 26.91 -13.60
N SER A 151 28.36 28.02 -13.26
CA SER A 151 29.53 27.89 -12.41
C SER A 151 29.59 29.08 -11.47
N LEU A 152 30.52 28.97 -10.53
CA LEU A 152 30.46 29.69 -9.28
C LEU A 152 31.70 30.54 -9.11
N GLN A 153 31.52 31.67 -8.41
CA GLN A 153 32.57 32.66 -8.21
C GLN A 153 33.35 32.30 -6.95
N LEU A 154 34.63 31.69 -7.13
CA LEU A 154 35.32 31.52 -5.86
C LEU A 154 36.33 32.64 -5.65
N PRO A 155 36.44 33.22 -4.43
CA PRO A 155 35.59 32.93 -3.27
C PRO A 155 34.17 33.53 -3.34
N ILE A 156 33.25 32.86 -2.64
CA ILE A 156 31.89 33.38 -2.48
C ILE A 156 31.95 34.55 -1.52
N GLU A 157 31.53 35.71 -1.98
CA GLU A 157 31.78 36.90 -1.17
C GLU A 157 31.03 36.81 0.16
N GLU A 158 29.85 36.20 0.17
CA GLU A 158 29.08 36.12 1.41
C GLU A 158 29.45 34.92 2.28
N LEU A 159 30.23 33.97 1.77
CA LEU A 159 30.83 32.91 2.59
C LEU A 159 32.25 32.65 2.12
N PRO A 160 33.19 33.51 2.51
CA PRO A 160 34.53 33.42 1.91
C PRO A 160 35.47 32.40 2.51
N PHE A 161 35.09 31.69 3.58
CA PHE A 161 35.97 30.66 4.12
C PHE A 161 35.93 29.35 3.33
N LEU A 162 35.15 29.27 2.27
CA LEU A 162 35.00 28.04 1.51
C LEU A 162 36.02 27.96 0.38
N GLU A 163 36.58 26.77 0.17
CA GLU A 163 37.53 26.50 -0.91
C GLU A 163 36.98 25.45 -1.87
N LEU A 164 37.83 25.11 -2.85
CA LEU A 164 37.44 24.18 -3.90
C LEU A 164 37.07 22.81 -3.34
N GLN A 165 37.87 22.27 -2.40
CA GLN A 165 37.61 20.98 -1.77
C GLN A 165 36.39 21.03 -0.86
N ASP A 166 35.83 22.21 -0.63
CA ASP A 166 34.66 22.31 0.22
C ASP A 166 33.38 22.16 -0.57
N LEU A 167 33.42 22.39 -1.87
CA LEU A 167 32.23 22.46 -2.70
C LEU A 167 31.69 21.08 -3.02
N PRO A 168 30.46 21.00 -3.47
CA PRO A 168 29.95 19.75 -4.01
C PRO A 168 30.86 19.14 -5.06
N SER A 169 30.74 17.81 -5.22
CA SER A 169 31.64 17.04 -6.06
C SER A 169 31.57 17.46 -7.52
N PHE A 170 30.43 18.00 -7.96
CA PHE A 170 30.31 18.47 -9.33
C PHE A 170 31.31 19.56 -9.67
N PHE A 171 31.70 20.37 -8.69
CA PHE A 171 32.67 21.43 -8.98
C PHE A 171 34.11 20.92 -8.93
N SER A 172 34.44 20.09 -7.94
CA SER A 172 35.83 19.66 -7.74
C SER A 172 36.22 18.45 -8.58
N VAL A 173 35.27 17.61 -8.99
CA VAL A 173 35.51 16.52 -9.95
C VAL A 173 34.88 16.92 -11.28
N SER A 174 35.63 17.57 -12.15
CA SER A 174 34.97 18.24 -13.26
C SER A 174 34.45 17.21 -14.27
N GLY A 175 33.28 17.52 -14.84
CA GLY A 175 32.66 16.64 -15.80
C GLY A 175 31.98 15.42 -15.24
N SER A 176 32.03 15.19 -13.92
CA SER A 176 31.39 14.03 -13.32
C SER A 176 29.90 14.27 -13.15
N TYR A 177 29.10 13.21 -13.37
CA TYR A 177 27.66 13.27 -13.18
C TYR A 177 27.05 14.50 -13.84
N PRO A 178 27.23 14.70 -15.15
CA PRO A 178 26.70 15.92 -15.76
C PRO A 178 25.19 16.02 -15.66
N ALA A 179 24.47 14.91 -15.82
CA ALA A 179 23.02 14.96 -15.67
C ALA A 179 22.61 15.26 -14.23
N TYR A 180 23.19 14.53 -13.25
CA TYR A 180 22.89 14.84 -11.85
C TYR A 180 23.29 16.27 -11.48
N PHE A 181 24.33 16.82 -12.13
CA PHE A 181 24.67 18.21 -11.88
C PHE A 181 23.61 19.15 -12.42
N GLU A 182 23.02 18.82 -13.56
CA GLU A 182 22.01 19.73 -14.11
C GLU A 182 20.75 19.69 -13.26
N MET A 183 20.53 18.58 -12.56
CA MET A 183 19.36 18.47 -11.71
C MET A 183 19.47 19.44 -10.53
N VAL A 184 20.58 19.39 -9.78
CA VAL A 184 20.64 20.23 -8.59
C VAL A 184 20.56 21.70 -8.98
N LEU A 185 21.03 22.05 -10.19
CA LEU A 185 20.90 23.44 -10.63
C LEU A 185 19.47 23.74 -11.07
N GLN A 186 18.82 22.78 -11.73
CA GLN A 186 17.49 23.07 -12.21
C GLN A 186 16.45 22.96 -11.11
N GLN A 187 16.86 22.73 -9.87
CA GLN A 187 15.99 22.99 -8.73
C GLN A 187 15.44 24.41 -8.72
N PHE A 188 16.11 25.36 -9.40
CA PHE A 188 15.77 26.77 -9.25
C PHE A 188 15.13 27.36 -10.49
N ILE A 189 14.80 26.53 -11.48
CA ILE A 189 14.28 27.09 -12.73
C ILE A 189 12.94 27.77 -12.52
N ASN A 190 12.14 27.29 -11.55
CA ASN A 190 10.81 27.87 -11.36
C ASN A 190 10.46 28.06 -9.89
N PHE A 191 11.41 27.84 -8.97
CA PHE A 191 11.14 28.02 -7.56
C PHE A 191 10.66 29.43 -7.22
N GLU A 192 10.90 30.41 -8.09
CA GLU A 192 10.28 31.72 -7.96
C GLU A 192 8.78 31.59 -7.76
N LYS A 193 8.12 30.80 -8.62
CA LYS A 193 6.68 30.66 -8.65
C LYS A 193 6.14 29.82 -7.50
N ALA A 194 7.01 29.31 -6.62
CA ALA A 194 6.56 28.48 -5.51
C ALA A 194 5.88 29.33 -4.44
N ASP A 195 4.84 28.77 -3.84
CA ASP A 195 4.18 29.48 -2.75
C ASP A 195 5.09 29.53 -1.52
N PHE A 196 5.80 28.44 -1.25
CA PHE A 196 6.82 28.45 -0.20
C PHE A 196 7.95 27.52 -0.63
N VAL A 197 9.05 27.57 0.13
CA VAL A 197 10.22 26.73 -0.11
C VAL A 197 10.64 26.11 1.21
N LEU A 198 10.57 24.79 1.29
CA LEU A 198 10.83 24.07 2.53
C LEU A 198 12.19 23.41 2.47
N VAL A 199 12.90 23.44 3.59
CA VAL A 199 14.23 22.87 3.70
C VAL A 199 14.31 22.08 5.00
N ASN A 200 14.86 20.87 4.92
CA ASN A 200 14.97 19.96 6.07
C ASN A 200 16.18 20.38 6.90
N SER A 201 16.01 21.52 7.55
CA SER A 201 16.98 22.08 8.47
C SER A 201 16.25 22.91 9.52
N PHE A 202 16.99 23.34 10.52
CA PHE A 202 16.42 24.27 11.48
C PHE A 202 17.33 25.49 11.59
N GLN A 203 16.71 26.60 11.98
CA GLN A 203 17.28 27.92 11.74
C GLN A 203 18.64 28.06 12.42
N GLU A 204 18.76 27.63 13.68
CA GLU A 204 19.95 27.89 14.48
C GLU A 204 21.15 27.06 14.07
N LEU A 205 21.00 26.16 13.11
CA LEU A 205 22.08 25.29 12.67
C LEU A 205 22.91 25.90 11.55
N GLU A 206 22.28 26.69 10.68
CA GLU A 206 22.95 27.48 9.66
C GLU A 206 22.27 28.84 9.63
N LEU A 207 22.24 29.53 10.79
CA LEU A 207 21.59 30.82 10.88
C LEU A 207 22.05 31.79 9.80
N HIS A 208 23.36 31.91 9.62
CA HIS A 208 23.85 32.77 8.54
C HIS A 208 23.23 32.38 7.21
N GLU A 209 23.58 31.18 6.71
CA GLU A 209 23.27 30.77 5.35
C GLU A 209 21.76 30.71 5.07
N ASN A 210 20.94 30.50 6.10
CA ASN A 210 19.50 30.68 5.93
C ASN A 210 19.19 32.14 5.54
N GLU A 211 19.79 33.11 6.24
CA GLU A 211 19.58 34.52 5.90
C GLU A 211 19.91 34.81 4.44
N LEU A 212 21.12 34.44 4.02
CA LEU A 212 21.56 34.71 2.64
C LEU A 212 20.54 34.22 1.64
N TRP A 213 20.10 32.97 1.83
CA TRP A 213 19.18 32.33 0.90
C TRP A 213 17.78 32.92 1.01
N SER A 214 17.35 33.28 2.23
CA SER A 214 16.03 33.87 2.40
C SER A 214 15.92 35.27 1.78
N LYS A 215 17.05 35.92 1.46
CA LYS A 215 17.01 37.17 0.70
C LYS A 215 16.50 36.94 -0.72
N ALA A 216 16.81 35.78 -1.30
CA ALA A 216 16.41 35.47 -2.66
C ALA A 216 15.02 34.86 -2.75
N CYS A 217 14.57 34.17 -1.70
CA CYS A 217 13.38 33.33 -1.81
C CYS A 217 12.82 33.12 -0.43
N PRO A 218 11.53 32.91 -0.31
CA PRO A 218 10.97 32.58 1.00
C PRO A 218 11.36 31.16 1.42
N VAL A 219 12.28 31.03 2.36
CA VAL A 219 12.74 29.74 2.85
C VAL A 219 12.13 29.51 4.23
N LEU A 220 11.58 28.31 4.43
CA LEU A 220 10.99 27.91 5.71
C LEU A 220 11.69 26.62 6.16
N THR A 221 12.47 26.73 7.22
CA THR A 221 13.18 25.58 7.75
C THR A 221 12.20 24.75 8.56
N ILE A 222 12.06 23.47 8.24
CA ILE A 222 11.06 22.65 8.93
C ILE A 222 11.68 21.40 9.53
N GLY A 223 12.99 21.33 9.60
CA GLY A 223 13.71 20.27 10.22
C GLY A 223 13.99 20.55 11.68
N PRO A 224 14.72 19.64 12.34
CA PRO A 224 15.21 18.41 11.72
C PRO A 224 14.08 17.40 11.65
N THR A 225 14.10 16.48 10.66
CA THR A 225 13.02 15.50 10.48
C THR A 225 13.25 14.24 11.27
N ILE A 226 13.98 14.31 12.39
CA ILE A 226 14.25 13.12 13.18
C ILE A 226 13.04 12.87 14.07
N PRO A 227 12.64 11.61 14.26
CA PRO A 227 11.33 11.34 14.88
C PRO A 227 11.19 12.02 16.24
N SER A 228 9.95 12.41 16.53
CA SER A 228 9.65 13.21 17.72
C SER A 228 10.14 12.57 19.01
N ILE A 229 10.20 11.23 19.09
CA ILE A 229 10.51 10.60 20.36
C ILE A 229 11.93 10.94 20.80
N TYR A 230 12.82 11.17 19.86
CA TYR A 230 14.19 11.48 20.24
C TYR A 230 14.37 12.96 20.59
N LEU A 231 13.45 13.81 20.16
CA LEU A 231 13.57 15.20 20.56
C LEU A 231 12.41 15.77 21.36
N ASP A 232 11.33 16.16 20.67
CA ASP A 232 10.32 17.02 21.27
C ASP A 232 9.22 16.23 21.93
N GLN A 233 9.05 14.97 21.52
CA GLN A 233 8.11 14.01 22.08
C GLN A 233 6.67 14.47 21.98
N ARG A 234 6.41 15.55 21.23
CA ARG A 234 5.04 16.00 21.06
C ARG A 234 4.22 15.00 20.25
N ILE A 235 4.84 14.22 19.36
CA ILE A 235 4.13 13.25 18.54
C ILE A 235 4.42 11.87 19.11
N LYS A 236 3.42 11.30 19.81
CA LYS A 236 3.65 10.07 20.57
C LYS A 236 3.92 8.89 19.67
N SER A 237 3.25 8.83 18.51
CA SER A 237 3.43 7.69 17.60
C SER A 237 4.74 7.71 16.83
N ASP A 238 5.42 8.86 16.75
CA ASP A 238 6.60 8.99 15.90
C ASP A 238 7.83 8.43 16.60
N THR A 239 7.98 7.11 16.53
CA THR A 239 9.03 6.43 17.27
C THR A 239 10.28 6.13 16.45
N GLY A 240 10.18 6.13 15.13
CA GLY A 240 11.34 5.81 14.34
C GLY A 240 11.06 5.99 12.87
N TYR A 241 11.99 5.51 12.05
CA TYR A 241 11.86 5.59 10.61
C TYR A 241 11.08 4.39 10.10
N ASP A 242 9.98 4.62 9.37
CA ASP A 242 9.05 3.52 9.09
C ASP A 242 8.85 3.23 7.61
N LEU A 243 9.62 3.84 6.72
CA LEU A 243 9.60 3.54 5.29
C LEU A 243 11.04 3.24 4.91
N ASN A 244 11.43 1.99 5.00
CA ASN A 244 12.80 1.61 4.76
C ASN A 244 12.90 0.66 3.60
N LEU A 245 13.87 0.91 2.73
CA LEU A 245 14.08 0.15 1.52
C LEU A 245 15.04 -1.01 1.72
N PHE A 246 15.61 -1.14 2.90
CA PHE A 246 16.57 -2.18 3.21
C PHE A 246 16.04 -2.93 4.42
N GLU A 247 16.03 -4.25 4.34
CA GLU A 247 15.25 -4.99 5.31
C GLU A 247 15.96 -5.03 6.65
N SER A 248 15.16 -5.01 7.70
CA SER A 248 15.51 -4.40 8.99
C SER A 248 16.28 -5.30 9.92
N LYS A 249 16.87 -6.39 9.42
CA LYS A 249 17.83 -7.20 10.17
C LYS A 249 17.14 -7.94 11.34
N ASP A 250 15.96 -7.51 11.79
CA ASP A 250 15.45 -7.80 13.14
C ASP A 250 16.39 -7.20 14.19
N ASP A 251 16.39 -5.86 14.20
CA ASP A 251 17.51 -5.03 14.61
C ASP A 251 17.92 -5.14 16.08
N SER A 252 17.16 -5.82 16.95
CA SER A 252 17.54 -5.82 18.36
C SER A 252 18.79 -6.65 18.65
N PHE A 253 19.19 -7.53 17.73
CA PHE A 253 20.50 -8.16 17.83
C PHE A 253 21.58 -7.10 17.95
N CYS A 254 21.44 -6.04 17.15
CA CYS A 254 22.40 -4.96 17.11
C CYS A 254 22.40 -4.17 18.43
N ILE A 255 21.23 -3.69 18.85
CA ILE A 255 21.15 -2.78 19.99
C ILE A 255 21.47 -3.51 21.30
N ASN A 256 21.21 -4.83 21.35
CA ASN A 256 21.62 -5.60 22.52
C ASN A 256 23.14 -5.72 22.59
N TRP A 257 23.79 -5.90 21.43
CA TRP A 257 25.26 -5.97 21.37
C TRP A 257 25.92 -4.69 21.85
N LEU A 258 25.27 -3.53 21.66
CA LEU A 258 25.88 -2.26 22.01
C LEU A 258 25.77 -1.96 23.50
N ASP A 259 24.74 -2.46 24.17
CA ASP A 259 24.69 -2.33 25.62
C ASP A 259 25.64 -3.30 26.32
N THR A 260 26.27 -4.20 25.56
CA THR A 260 27.40 -4.99 26.01
C THR A 260 28.67 -4.16 26.19
N ARG A 261 28.82 -3.07 25.44
CA ARG A 261 30.16 -2.53 25.40
C ARG A 261 30.24 -1.19 26.14
N PRO A 262 31.38 -0.90 26.76
CA PRO A 262 31.46 0.28 27.65
C PRO A 262 31.19 1.58 26.91
N GLN A 263 30.90 2.62 27.69
CA GLN A 263 30.38 3.86 27.15
C GLN A 263 31.41 4.52 26.22
N GLY A 264 30.96 4.87 25.02
CA GLY A 264 31.82 5.52 24.05
C GLY A 264 32.91 4.64 23.48
N SER A 265 32.78 3.32 23.57
CA SER A 265 33.88 2.46 23.16
C SER A 265 33.83 2.05 21.69
N VAL A 266 32.66 2.10 21.05
CA VAL A 266 32.50 1.57 19.69
C VAL A 266 32.60 2.71 18.69
N VAL A 267 33.21 2.41 17.54
CA VAL A 267 33.22 3.29 16.39
C VAL A 267 32.14 2.81 15.42
N TYR A 268 31.18 3.67 15.11
CA TYR A 268 30.15 3.34 14.14
C TYR A 268 30.58 3.75 12.73
N VAL A 269 30.36 2.86 11.77
CA VAL A 269 30.75 3.07 10.37
C VAL A 269 29.55 2.80 9.47
N ALA A 270 29.22 3.75 8.61
CA ALA A 270 28.06 3.63 7.73
C ALA A 270 28.13 4.72 6.67
N PHE A 271 27.67 4.37 5.46
CA PHE A 271 27.86 5.22 4.28
C PHE A 271 26.54 5.52 3.59
N GLY A 272 25.45 5.51 4.33
CA GLY A 272 24.20 5.80 3.69
C GLY A 272 23.63 4.62 2.92
N SER A 273 22.79 4.96 1.94
CA SER A 273 21.98 4.01 1.22
C SER A 273 22.41 3.83 -0.23
N MET A 274 23.31 4.66 -0.73
CA MET A 274 23.62 4.72 -2.16
C MET A 274 25.09 4.79 -2.49
N ALA A 275 25.98 4.95 -1.52
CA ALA A 275 27.39 5.20 -1.82
C ALA A 275 28.12 3.88 -2.02
N GLN A 276 28.96 3.84 -3.05
CA GLN A 276 29.68 2.64 -3.44
C GLN A 276 31.18 2.93 -3.42
N LEU A 277 31.90 2.20 -2.58
CA LEU A 277 33.35 2.29 -2.52
C LEU A 277 33.97 1.25 -3.46
N THR A 278 35.27 1.40 -3.72
CA THR A 278 36.02 0.48 -4.56
C THR A 278 36.62 -0.64 -3.71
N ASN A 279 37.09 -1.71 -4.37
CA ASN A 279 37.82 -2.75 -3.64
C ASN A 279 38.99 -2.12 -2.88
N VAL A 280 39.75 -1.26 -3.56
CA VAL A 280 40.86 -0.57 -2.94
C VAL A 280 40.41 0.19 -1.71
N GLN A 281 39.34 0.97 -1.85
CA GLN A 281 38.83 1.72 -0.71
C GLN A 281 38.50 0.79 0.45
N MET A 282 37.96 -0.40 0.15
CA MET A 282 37.37 -1.27 1.18
C MET A 282 38.42 -1.90 2.10
N GLU A 283 39.62 -2.20 1.60
CA GLU A 283 40.63 -2.81 2.46
C GLU A 283 41.37 -1.77 3.30
N GLU A 284 41.55 -0.56 2.77
CA GLU A 284 42.08 0.52 3.58
C GLU A 284 41.18 0.78 4.78
N LEU A 285 39.87 0.87 4.53
CA LEU A 285 38.92 0.98 5.62
C LEU A 285 39.06 -0.20 6.58
N ALA A 286 39.00 -1.42 6.04
CA ALA A 286 38.97 -2.63 6.87
C ALA A 286 40.17 -2.71 7.80
N SER A 287 41.35 -2.28 7.33
CA SER A 287 42.53 -2.30 8.19
C SER A 287 42.43 -1.23 9.26
N ALA A 288 42.15 0.00 8.85
CA ALA A 288 42.05 1.09 9.82
C ALA A 288 41.00 0.78 10.87
N VAL A 289 39.88 0.20 10.45
CA VAL A 289 38.80 0.01 11.41
C VAL A 289 39.13 -1.15 12.35
N SER A 290 39.81 -2.19 11.87
CA SER A 290 40.13 -3.32 12.73
C SER A 290 41.12 -2.97 13.85
N ASN A 291 41.68 -1.77 13.85
CA ASN A 291 42.38 -1.28 15.03
C ASN A 291 41.43 -0.88 16.13
N PHE A 292 40.12 -1.09 16.01
CA PHE A 292 39.16 -0.53 16.95
C PHE A 292 38.05 -1.54 17.25
N SER A 293 37.30 -1.25 18.30
CA SER A 293 36.02 -1.90 18.53
C SER A 293 34.98 -1.16 17.70
N PHE A 294 34.43 -1.81 16.68
CA PHE A 294 33.69 -1.09 15.65
C PHE A 294 32.35 -1.75 15.34
N LEU A 295 31.43 -0.95 14.80
CA LEU A 295 30.19 -1.44 14.23
C LEU A 295 30.10 -0.89 12.81
N TRP A 296 30.33 -1.75 11.81
CA TRP A 296 30.43 -1.36 10.40
C TRP A 296 29.22 -1.88 9.62
N VAL A 297 28.57 -1.00 8.88
CA VAL A 297 27.47 -1.38 8.00
C VAL A 297 28.03 -1.46 6.59
N VAL A 298 28.23 -2.68 6.13
CA VAL A 298 28.51 -2.98 4.73
C VAL A 298 27.21 -3.50 4.12
N ARG A 299 26.60 -2.71 3.24
CA ARG A 299 25.39 -3.15 2.57
C ARG A 299 25.68 -4.34 1.67
N SER A 300 24.62 -5.08 1.32
CA SER A 300 24.80 -6.37 0.67
C SER A 300 25.46 -6.23 -0.69
N SER A 301 25.05 -5.23 -1.47
CA SER A 301 25.67 -4.97 -2.78
C SER A 301 27.16 -4.66 -2.67
N GLU A 302 27.70 -4.48 -1.47
CA GLU A 302 29.09 -4.12 -1.29
C GLU A 302 29.94 -5.19 -0.62
N GLU A 303 29.36 -6.34 -0.27
CA GLU A 303 30.14 -7.39 0.38
C GLU A 303 31.23 -7.93 -0.54
N GLU A 304 30.96 -7.90 -1.86
CA GLU A 304 31.91 -8.29 -2.90
C GLU A 304 33.30 -7.76 -2.62
N LYS A 305 33.37 -6.48 -2.30
CA LYS A 305 34.62 -5.74 -2.34
C LYS A 305 35.38 -5.74 -1.03
N LEU A 306 34.87 -6.37 0.04
CA LEU A 306 35.67 -6.48 1.26
C LEU A 306 36.71 -7.58 1.05
N PRO A 307 37.82 -7.52 1.78
CA PRO A 307 38.93 -8.46 1.49
C PRO A 307 38.48 -9.91 1.49
N SER A 308 39.25 -10.73 0.79
CA SER A 308 39.08 -12.17 0.87
C SER A 308 39.19 -12.59 2.33
N GLY A 309 38.10 -13.18 2.84
CA GLY A 309 38.05 -13.69 4.20
C GLY A 309 38.05 -12.65 5.29
N PHE A 310 37.67 -11.41 4.99
CA PHE A 310 37.68 -10.40 6.04
C PHE A 310 36.63 -10.70 7.09
N LEU A 311 35.42 -11.10 6.66
CA LEU A 311 34.32 -11.32 7.58
C LEU A 311 34.54 -12.54 8.47
N GLU A 312 35.51 -13.38 8.14
CA GLU A 312 35.92 -14.45 9.05
C GLU A 312 36.79 -13.90 10.17
N THR A 313 37.66 -12.96 9.81
CA THR A 313 38.67 -12.42 10.70
C THR A 313 38.08 -11.42 11.68
N VAL A 314 36.78 -11.14 11.56
CA VAL A 314 36.08 -10.25 12.47
C VAL A 314 36.25 -10.73 13.91
N ASN A 315 36.85 -9.91 14.76
CA ASN A 315 36.86 -10.22 16.18
C ASN A 315 35.44 -10.04 16.72
N LYS A 316 34.78 -11.15 17.03
CA LYS A 316 33.39 -11.10 17.46
C LYS A 316 33.23 -10.56 18.87
N GLU A 317 34.33 -10.38 19.60
CA GLU A 317 34.28 -9.87 20.96
C GLU A 317 34.49 -8.37 21.04
N LYS A 318 34.88 -7.73 19.94
CA LYS A 318 35.08 -6.29 19.87
C LYS A 318 34.18 -5.59 18.86
N SER A 319 33.71 -6.29 17.82
CA SER A 319 33.21 -5.62 16.62
C SER A 319 32.24 -6.53 15.88
N LEU A 320 31.51 -5.93 14.92
CA LEU A 320 30.40 -6.58 14.24
C LEU A 320 30.11 -5.87 12.91
N VAL A 321 29.73 -6.65 11.90
CA VAL A 321 29.42 -6.14 10.56
C VAL A 321 27.98 -6.49 10.21
N LEU A 322 27.23 -5.53 9.65
CA LEU A 322 25.83 -5.73 9.27
C LEU A 322 25.54 -5.26 7.84
N LYS A 323 24.39 -5.73 7.34
CA LYS A 323 23.96 -5.30 6.01
C LYS A 323 23.26 -3.95 6.03
N TRP A 324 22.76 -3.54 7.19
CA TRP A 324 21.95 -2.34 7.44
C TRP A 324 21.69 -2.29 8.93
N SER A 325 21.22 -1.15 9.43
CA SER A 325 21.27 -0.92 10.86
C SER A 325 20.16 0.04 11.27
N PRO A 326 19.67 -0.08 12.47
CA PRO A 326 18.72 0.94 12.96
C PRO A 326 19.48 2.19 13.39
N GLN A 327 19.95 2.93 12.40
CA GLN A 327 20.89 4.01 12.65
C GLN A 327 20.39 4.96 13.73
N LEU A 328 19.08 5.22 13.79
CA LEU A 328 18.62 6.12 14.84
C LEU A 328 19.01 5.59 16.21
N GLN A 329 18.67 4.33 16.50
CA GLN A 329 18.90 3.77 17.82
C GLN A 329 20.39 3.58 18.09
N VAL A 330 21.17 3.22 17.06
CA VAL A 330 22.63 3.18 17.20
C VAL A 330 23.19 4.53 17.67
N LEU A 331 22.84 5.61 16.98
CA LEU A 331 23.41 6.90 17.32
C LEU A 331 22.90 7.42 18.67
N SER A 332 21.81 6.90 19.17
CA SER A 332 21.36 7.26 20.50
C SER A 332 22.00 6.42 21.59
N ASN A 333 22.79 5.41 21.22
CA ASN A 333 23.35 4.46 22.19
C ASN A 333 24.66 4.99 22.74
N LYS A 334 24.84 4.91 24.06
CA LYS A 334 25.99 5.52 24.72
C LYS A 334 27.29 4.79 24.46
N ALA A 335 27.24 3.59 23.87
CA ALA A 335 28.47 2.88 23.53
C ALA A 335 29.21 3.45 22.33
N ILE A 336 28.57 4.32 21.56
CA ILE A 336 29.21 4.93 20.40
C ILE A 336 30.18 6.00 20.86
N GLY A 337 31.39 5.99 20.32
CA GLY A 337 32.36 7.02 20.62
C GLY A 337 32.51 8.02 19.48
N CYS A 338 32.56 7.53 18.25
CA CYS A 338 32.51 8.42 17.10
C CYS A 338 31.87 7.68 15.93
N PHE A 339 31.47 8.46 14.93
CA PHE A 339 30.69 8.02 13.76
C PHE A 339 31.52 8.34 12.53
N LEU A 340 31.94 7.31 11.81
CA LEU A 340 32.69 7.51 10.57
C LEU A 340 31.66 7.55 9.46
N THR A 341 31.48 8.72 8.87
CA THR A 341 30.32 8.97 8.04
C THR A 341 30.71 9.51 6.66
N HIS A 342 29.92 9.10 5.66
CA HIS A 342 30.05 9.67 4.33
C HIS A 342 29.45 11.07 4.26
N CYS A 343 28.79 11.52 5.33
CA CYS A 343 28.30 12.91 5.48
C CYS A 343 27.05 13.18 4.67
N GLY A 344 26.28 12.13 4.38
CA GLY A 344 24.91 12.34 3.94
C GLY A 344 24.21 13.29 4.88
N TRP A 345 23.32 14.14 4.36
CA TRP A 345 22.75 15.19 5.19
C TRP A 345 21.96 14.61 6.35
N ASN A 346 21.09 13.62 6.07
CA ASN A 346 20.30 13.00 7.15
C ASN A 346 21.22 12.42 8.20
N SER A 347 22.22 11.64 7.77
CA SER A 347 23.18 11.10 8.74
C SER A 347 23.88 12.21 9.53
N THR A 348 24.25 13.34 8.91
CA THR A 348 24.96 14.40 9.64
C THR A 348 24.05 15.05 10.70
N MET A 349 22.82 15.40 10.32
CA MET A 349 21.89 15.97 11.27
C MET A 349 21.56 14.98 12.37
N GLU A 350 21.56 13.68 12.06
CA GLU A 350 21.31 12.70 13.11
C GLU A 350 22.45 12.70 14.13
N ALA A 351 23.70 12.67 13.67
CA ALA A 351 24.82 12.63 14.58
C ALA A 351 24.92 13.93 15.39
N LEU A 352 24.63 15.08 14.77
CA LEU A 352 24.63 16.36 15.52
C LEU A 352 23.57 16.40 16.58
N THR A 353 22.36 15.95 16.24
CA THR A 353 21.29 15.91 17.22
C THR A 353 21.57 14.91 18.34
N PHE A 354 22.34 13.88 18.09
CA PHE A 354 22.63 12.92 19.14
C PHE A 354 23.95 13.18 19.85
N GLY A 355 24.65 14.25 19.51
CA GLY A 355 25.91 14.54 20.18
C GLY A 355 26.98 13.51 19.92
N VAL A 356 27.00 12.94 18.73
CA VAL A 356 28.00 11.94 18.34
C VAL A 356 29.03 12.64 17.44
N PRO A 357 30.28 12.74 17.84
CA PRO A 357 31.26 13.41 16.99
C PRO A 357 31.65 12.49 15.87
N MET A 358 31.99 13.08 14.72
CA MET A 358 32.16 12.31 13.49
C MET A 358 33.58 12.38 12.94
N VAL A 359 33.94 11.34 12.20
CA VAL A 359 35.07 11.34 11.29
C VAL A 359 34.46 11.41 9.89
N ALA A 360 34.61 12.56 9.24
CA ALA A 360 33.98 12.80 7.95
C ALA A 360 34.83 12.23 6.83
N MET A 361 34.22 11.37 6.03
CA MET A 361 34.88 10.73 4.89
C MET A 361 33.97 10.89 3.67
N PRO A 362 33.74 12.13 3.23
CA PRO A 362 32.74 12.36 2.17
C PRO A 362 33.11 11.74 0.83
N GLN A 363 32.09 11.43 0.04
CA GLN A 363 32.26 10.75 -1.24
C GLN A 363 31.91 11.59 -2.46
N TRP A 364 30.72 12.19 -2.49
CA TRP A 364 30.26 13.01 -3.64
C TRP A 364 29.07 13.85 -3.16
N THR A 365 28.14 14.10 -4.04
CA THR A 365 27.47 15.36 -4.32
C THR A 365 27.56 16.43 -3.22
N ASP A 366 26.78 16.42 -2.16
CA ASP A 366 26.84 17.57 -1.25
C ASP A 366 27.64 17.24 -0.01
N GLN A 367 28.16 16.02 0.06
CA GLN A 367 28.88 15.58 1.23
C GLN A 367 30.15 16.36 1.51
N PRO A 368 30.92 16.85 0.52
CA PRO A 368 32.06 17.71 0.88
C PRO A 368 31.66 18.96 1.65
N MET A 369 30.54 19.60 1.30
CA MET A 369 30.09 20.76 2.06
C MET A 369 29.79 20.39 3.50
N ASN A 370 29.00 19.33 3.70
CA ASN A 370 28.66 18.89 5.04
C ASN A 370 29.93 18.60 5.84
N ALA A 371 30.95 18.02 5.19
CA ALA A 371 32.19 17.71 5.90
C ALA A 371 32.92 18.98 6.32
N LYS A 372 32.94 20.01 5.48
CA LYS A 372 33.53 21.28 5.90
C LYS A 372 32.82 21.83 7.13
N TYR A 373 31.48 21.84 7.12
CA TYR A 373 30.71 22.40 8.24
C TYR A 373 30.86 21.54 9.50
N ILE A 374 31.03 20.24 9.34
CA ILE A 374 31.27 19.37 10.49
C ILE A 374 32.57 19.74 11.19
N GLN A 375 33.59 20.10 10.42
CA GLN A 375 34.90 20.24 11.03
C GLN A 375 35.18 21.67 11.49
N ASP A 376 34.79 22.65 10.68
CA ASP A 376 35.23 24.02 10.81
C ASP A 376 34.11 24.98 11.17
N VAL A 377 32.84 24.61 11.03
CA VAL A 377 31.74 25.45 11.48
C VAL A 377 31.12 24.92 12.77
N TRP A 378 30.78 23.65 12.80
CA TRP A 378 30.17 23.04 13.96
C TRP A 378 31.21 22.52 14.93
N LYS A 379 32.48 22.51 14.50
CA LYS A 379 33.60 21.93 15.25
C LYS A 379 33.18 20.67 15.99
N ALA A 380 32.54 19.77 15.24
CA ALA A 380 31.97 18.54 15.77
C ALA A 380 32.61 17.28 15.22
N GLY A 381 33.69 17.40 14.45
CA GLY A 381 34.39 16.24 13.91
C GLY A 381 35.57 16.70 13.08
N VAL A 382 36.25 15.72 12.47
CA VAL A 382 37.39 16.01 11.61
C VAL A 382 37.22 15.32 10.27
N ARG A 383 37.65 15.98 9.20
CA ARG A 383 37.65 15.37 7.87
C ARG A 383 38.91 14.52 7.69
N VAL A 384 38.73 13.26 7.25
CA VAL A 384 39.87 12.40 6.96
C VAL A 384 40.60 12.94 5.73
N LYS A 385 41.93 12.83 5.73
CA LYS A 385 42.72 13.35 4.62
C LYS A 385 42.84 12.29 3.52
N THR A 386 42.74 12.74 2.28
CA THR A 386 42.81 11.87 1.13
C THR A 386 44.03 12.22 0.32
N GLU A 387 44.71 11.21 -0.22
CA GLU A 387 45.83 11.49 -1.09
C GLU A 387 45.30 12.13 -2.37
N LYS A 388 45.94 13.19 -2.82
CA LYS A 388 45.26 14.01 -3.81
C LYS A 388 45.29 13.40 -5.19
N GLU A 389 46.32 12.62 -5.50
CA GLU A 389 46.33 11.86 -6.75
C GLU A 389 45.03 11.07 -6.94
N SER A 390 44.49 10.54 -5.84
CA SER A 390 43.55 9.43 -5.94
C SER A 390 42.23 9.60 -5.19
N GLY A 391 42.10 10.59 -4.30
CA GLY A 391 40.85 10.75 -3.56
C GLY A 391 40.53 9.62 -2.60
N ILE A 392 41.49 8.71 -2.38
CA ILE A 392 41.30 7.59 -1.45
C ILE A 392 41.97 7.94 -0.13
N ALA A 393 41.28 7.65 0.96
CA ALA A 393 41.85 7.77 2.30
C ALA A 393 42.65 6.52 2.62
N LYS A 394 43.93 6.69 2.94
CA LYS A 394 44.75 5.53 3.27
C LYS A 394 44.48 5.09 4.70
N ARG A 395 44.74 3.81 4.97
CA ARG A 395 44.35 3.21 6.24
C ARG A 395 44.87 3.98 7.45
N GLU A 396 46.04 4.62 7.35
CA GLU A 396 46.60 5.34 8.49
C GLU A 396 46.03 6.75 8.61
N GLU A 397 45.68 7.39 7.50
CA GLU A 397 44.98 8.65 7.59
C GLU A 397 43.59 8.45 8.19
N ILE A 398 42.97 7.30 7.94
CA ILE A 398 41.69 6.97 8.58
C ILE A 398 41.89 6.76 10.07
N GLU A 399 42.91 5.99 10.44
CA GLU A 399 43.12 5.65 11.85
C GLU A 399 43.50 6.88 12.64
N PHE A 400 44.35 7.74 12.06
CA PHE A 400 44.67 9.03 12.66
C PHE A 400 43.39 9.79 13.01
N SER A 401 42.51 9.97 12.02
CA SER A 401 41.30 10.76 12.25
C SER A 401 40.41 10.13 13.34
N ILE A 402 40.24 8.80 13.33
CA ILE A 402 39.41 8.18 14.36
C ILE A 402 39.97 8.48 15.75
N LYS A 403 41.28 8.28 15.93
CA LYS A 403 41.90 8.54 17.23
C LYS A 403 41.74 9.99 17.66
N GLU A 404 41.81 10.93 16.71
CA GLU A 404 41.67 12.35 17.06
C GLU A 404 40.29 12.62 17.67
N VAL A 405 39.27 11.86 17.30
CA VAL A 405 37.93 12.08 17.83
C VAL A 405 37.65 11.22 19.08
N MET A 406 38.41 10.16 19.31
CA MET A 406 38.26 9.36 20.51
C MET A 406 39.21 9.77 21.63
N GLU A 407 40.50 9.99 21.29
CA GLU A 407 41.59 10.07 22.27
C GLU A 407 42.26 11.42 22.34
N GLY A 408 42.35 12.17 21.24
CA GLY A 408 42.97 13.47 21.29
C GLY A 408 42.25 14.37 22.28
N GLU A 409 42.70 15.61 22.48
CA GLU A 409 41.84 16.45 23.32
C GLU A 409 41.30 17.66 22.60
N ARG A 410 41.49 17.73 21.29
CA ARG A 410 40.39 18.17 20.44
C ARG A 410 39.15 17.31 20.73
N SER A 411 39.35 16.05 21.17
CA SER A 411 38.26 15.09 21.26
C SER A 411 37.25 15.44 22.35
N LYS A 412 37.69 15.93 23.52
CA LYS A 412 36.65 16.34 24.46
C LYS A 412 36.21 17.78 24.24
N GLU A 413 36.94 18.57 23.47
CA GLU A 413 36.36 19.84 23.05
C GLU A 413 35.25 19.60 22.02
N MET A 414 35.56 18.83 20.97
CA MET A 414 34.53 18.50 20.00
C MET A 414 33.38 17.79 20.65
N LYS A 415 33.66 16.99 21.69
CA LYS A 415 32.58 16.30 22.37
C LYS A 415 31.59 17.31 22.94
N LYS A 416 32.06 18.43 23.52
CA LYS A 416 31.07 19.34 24.10
C LYS A 416 30.49 20.35 23.12
N ASN A 417 31.25 20.72 22.08
CA ASN A 417 30.68 21.61 21.07
C ASN A 417 29.46 20.98 20.41
N VAL A 418 29.48 19.66 20.18
CA VAL A 418 28.37 19.01 19.47
C VAL A 418 27.14 18.78 20.36
N LYS A 419 27.25 18.80 21.70
CA LYS A 419 26.07 18.53 22.52
C LYS A 419 25.13 19.72 22.66
N LYS A 420 25.61 20.89 22.23
CA LYS A 420 24.79 22.08 22.05
C LYS A 420 23.54 21.77 21.22
N TRP A 421 23.61 20.87 20.22
CA TRP A 421 22.63 20.91 19.13
C TRP A 421 21.34 20.20 19.49
N ARG A 422 21.43 19.10 20.24
CA ARG A 422 20.22 18.44 20.68
C ARG A 422 19.21 19.47 21.17
N ASP A 423 19.64 20.29 22.14
CA ASP A 423 18.72 21.20 22.82
C ASP A 423 18.25 22.31 21.90
N LEU A 424 19.12 22.75 20.99
CA LEU A 424 18.65 23.71 20.00
C LEU A 424 17.56 23.10 19.13
N ALA A 425 17.70 21.82 18.77
CA ALA A 425 16.76 21.20 17.86
C ALA A 425 15.39 21.04 18.51
N VAL A 426 15.39 20.49 19.73
CA VAL A 426 14.17 20.41 20.55
C VAL A 426 13.49 21.77 20.70
N LYS A 427 14.27 22.84 20.95
CA LYS A 427 13.64 24.15 21.10
C LYS A 427 12.91 24.53 19.81
N SER A 428 13.47 24.17 18.66
CA SER A 428 12.82 24.54 17.41
C SER A 428 11.58 23.70 17.14
N LEU A 429 11.59 22.45 17.60
CA LEU A 429 10.43 21.59 17.46
C LEU A 429 9.39 21.77 18.55
N ASN A 430 9.75 22.38 19.68
CA ASN A 430 8.78 22.64 20.72
C ASN A 430 7.97 23.88 20.38
N GLU A 431 6.80 23.99 21.04
CA GLU A 431 5.90 25.12 20.82
C GLU A 431 6.67 26.43 20.81
N GLY A 432 6.38 27.27 19.82
CA GLY A 432 7.01 28.56 19.75
C GLY A 432 8.42 28.56 19.17
N GLY A 433 8.97 27.39 18.81
CA GLY A 433 10.24 27.35 18.10
C GLY A 433 10.09 27.79 16.65
N SER A 434 11.23 28.11 16.02
CA SER A 434 11.23 28.54 14.62
C SER A 434 10.69 27.45 13.68
N THR A 435 11.05 26.17 13.92
CA THR A 435 10.51 25.14 13.05
C THR A 435 9.01 24.99 13.30
N ASP A 436 8.60 24.85 14.57
CA ASP A 436 7.19 24.74 14.91
C ASP A 436 6.40 25.92 14.37
N THR A 437 7.02 27.10 14.31
CA THR A 437 6.34 28.27 13.78
C THR A 437 6.24 28.19 12.26
N ASN A 438 7.33 27.74 11.60
CA ASN A 438 7.32 27.64 10.14
C ASN A 438 6.34 26.59 9.66
N ILE A 439 6.26 25.46 10.37
CA ILE A 439 5.25 24.47 10.02
C ILE A 439 3.85 25.08 10.11
N ASP A 440 3.59 25.90 11.13
CA ASP A 440 2.28 26.53 11.25
C ASP A 440 1.99 27.50 10.11
N THR A 441 2.97 28.29 9.69
CA THR A 441 2.75 29.14 8.52
C THR A 441 2.36 28.33 7.30
N PHE A 442 3.05 27.21 7.06
CA PHE A 442 2.71 26.36 5.92
C PHE A 442 1.30 25.79 6.07
N VAL A 443 0.98 25.27 7.26
CA VAL A 443 -0.35 24.72 7.48
C VAL A 443 -1.42 25.80 7.32
N SER A 444 -1.11 27.04 7.70
CA SER A 444 -2.08 28.12 7.54
C SER A 444 -2.44 28.32 6.07
N ARG A 445 -1.42 28.45 5.22
CA ARG A 445 -1.66 28.57 3.78
C ARG A 445 -2.48 27.39 3.25
N VAL A 446 -2.19 26.18 3.70
CA VAL A 446 -2.73 25.00 3.02
C VAL A 446 -4.24 24.86 3.24
N GLN A 447 -4.77 25.37 4.33
CA GLN A 447 -6.22 25.45 4.46
C GLN A 447 -6.68 26.90 4.66
N LYS B 4 6.40 -17.63 11.42
CA LYS B 4 6.86 -18.85 10.77
C LYS B 4 6.87 -18.76 9.25
N ARG B 5 7.62 -19.67 8.62
CA ARG B 5 8.21 -19.45 7.30
C ARG B 5 7.21 -19.25 6.17
N GLY B 6 5.96 -19.65 6.34
CA GLY B 6 5.02 -19.55 5.24
C GLY B 6 4.71 -18.11 4.84
N HIS B 7 4.51 -17.91 3.54
CA HIS B 7 4.09 -16.60 3.04
C HIS B 7 3.26 -16.72 1.75
N VAL B 8 2.07 -16.11 1.76
CA VAL B 8 1.04 -16.27 0.73
C VAL B 8 0.84 -14.96 -0.03
N LEU B 9 1.04 -14.98 -1.34
CA LEU B 9 0.48 -13.95 -2.23
C LEU B 9 -0.94 -14.33 -2.66
N ALA B 10 -1.91 -13.49 -2.29
CA ALA B 10 -3.31 -13.65 -2.67
C ALA B 10 -3.64 -12.71 -3.82
N VAL B 11 -4.06 -13.27 -4.96
CA VAL B 11 -4.35 -12.48 -6.15
C VAL B 11 -5.83 -12.63 -6.51
N PRO B 12 -6.67 -11.68 -6.08
CA PRO B 12 -8.09 -11.71 -6.44
C PRO B 12 -8.35 -11.13 -7.82
N TYR B 13 -9.47 -11.55 -8.41
CA TYR B 13 -9.97 -10.83 -9.57
C TYR B 13 -10.32 -9.40 -9.15
N PRO B 14 -9.96 -8.38 -9.94
CA PRO B 14 -10.12 -6.99 -9.49
C PRO B 14 -11.54 -6.45 -9.38
N THR B 15 -12.40 -7.08 -8.55
CA THR B 15 -13.76 -6.61 -8.37
C THR B 15 -14.16 -6.86 -6.93
N GLN B 16 -15.19 -6.13 -6.49
CA GLN B 16 -15.54 -6.14 -5.08
C GLN B 16 -15.91 -7.55 -4.63
N GLY B 17 -16.72 -8.25 -5.42
CA GLY B 17 -17.17 -9.57 -5.05
C GLY B 17 -16.07 -10.59 -4.99
N HIS B 18 -14.90 -10.32 -5.58
CA HIS B 18 -13.77 -11.22 -5.47
C HIS B 18 -12.76 -10.76 -4.41
N ILE B 19 -12.42 -9.47 -4.40
CA ILE B 19 -11.46 -8.94 -3.47
C ILE B 19 -11.91 -9.21 -2.04
N THR B 20 -13.23 -9.17 -1.81
CA THR B 20 -13.72 -9.26 -0.43
C THR B 20 -13.52 -10.64 0.15
N PRO B 21 -13.94 -11.74 -0.48
CA PRO B 21 -13.65 -13.06 0.12
C PRO B 21 -12.17 -13.33 0.27
N PHE B 22 -11.36 -12.86 -0.68
CA PHE B 22 -9.91 -12.93 -0.57
C PHE B 22 -9.41 -12.23 0.70
N ARG B 23 -9.78 -10.96 0.87
CA ARG B 23 -9.31 -10.22 2.05
C ARG B 23 -9.71 -10.92 3.32
N GLN B 24 -10.97 -11.38 3.40
CA GLN B 24 -11.46 -12.07 4.58
C GLN B 24 -10.71 -13.38 4.79
N PHE B 25 -10.39 -14.07 3.71
CA PHE B 25 -9.68 -15.31 3.87
C PHE B 25 -8.25 -15.05 4.37
N CYS B 26 -7.63 -13.98 3.92
CA CYS B 26 -6.36 -13.56 4.52
C CYS B 26 -6.49 -13.27 6.02
N LYS B 27 -7.65 -12.80 6.51
CA LYS B 27 -7.72 -12.53 7.94
C LYS B 27 -7.68 -13.82 8.75
N ARG B 28 -8.43 -14.83 8.33
CA ARG B 28 -8.36 -16.13 9.00
C ARG B 28 -6.94 -16.68 8.98
N LEU B 29 -6.29 -16.59 7.83
CA LEU B 29 -4.90 -17.03 7.70
C LEU B 29 -4.00 -16.30 8.71
N HIS B 30 -4.12 -14.97 8.76
CA HIS B 30 -3.32 -14.22 9.71
C HIS B 30 -3.58 -14.70 11.13
N PHE B 31 -4.86 -14.90 11.47
CA PHE B 31 -5.18 -15.47 12.77
C PHE B 31 -4.43 -16.77 13.03
N LYS B 32 -4.26 -17.62 12.00
CA LYS B 32 -3.57 -18.89 12.17
C LYS B 32 -2.05 -18.78 12.04
N GLY B 33 -1.51 -17.61 11.79
CA GLY B 33 -0.08 -17.43 11.85
C GLY B 33 0.57 -17.39 10.51
N LEU B 34 -0.20 -17.31 9.44
CA LEU B 34 0.31 -17.34 8.09
C LEU B 34 0.33 -15.92 7.57
N LYS B 35 1.51 -15.47 7.18
CA LYS B 35 1.68 -14.16 6.62
C LYS B 35 1.11 -14.13 5.21
N THR B 36 0.32 -13.11 4.90
CA THR B 36 -0.23 -12.93 3.57
C THR B 36 0.08 -11.53 3.06
N THR B 37 0.41 -11.40 1.77
CA THR B 37 0.32 -10.11 1.10
C THR B 37 -0.71 -10.22 -0.01
N LEU B 38 -1.59 -9.22 -0.08
CA LEU B 38 -2.73 -9.20 -0.97
C LEU B 38 -2.35 -8.36 -2.19
N ALA B 39 -2.45 -8.95 -3.38
CA ALA B 39 -2.03 -8.27 -4.60
C ALA B 39 -3.23 -7.56 -5.24
N LEU B 40 -3.15 -6.23 -5.36
CA LEU B 40 -4.18 -5.42 -6.01
C LEU B 40 -3.63 -4.79 -7.27
N THR B 41 -4.46 -4.69 -8.31
CA THR B 41 -4.05 -3.92 -9.48
C THR B 41 -3.82 -2.47 -9.05
N THR B 42 -2.94 -1.77 -9.75
CA THR B 42 -2.63 -0.45 -9.23
C THR B 42 -3.82 0.51 -9.42
N PHE B 43 -4.63 0.31 -10.48
CA PHE B 43 -5.89 1.05 -10.56
C PHE B 43 -6.75 0.84 -9.31
N VAL B 44 -6.99 -0.41 -8.95
CA VAL B 44 -7.81 -0.64 -7.76
C VAL B 44 -7.12 -0.09 -6.51
N PHE B 45 -5.78 -0.19 -6.41
CA PHE B 45 -5.06 0.39 -5.26
C PHE B 45 -5.27 1.89 -5.19
N ASN B 46 -5.04 2.58 -6.31
CA ASN B 46 -5.07 4.03 -6.22
C ASN B 46 -6.48 4.57 -6.10
N SER B 47 -7.50 3.71 -6.16
CA SER B 47 -8.86 4.21 -5.97
C SER B 47 -9.40 3.89 -4.60
N ILE B 48 -8.91 2.85 -3.95
CA ILE B 48 -9.29 2.58 -2.56
C ILE B 48 -8.58 3.54 -1.62
N ASN B 49 -7.31 3.86 -1.92
CA ASN B 49 -6.42 4.49 -0.95
C ASN B 49 -6.55 3.76 0.39
N PRO B 50 -6.06 2.52 0.46
CA PRO B 50 -6.38 1.68 1.62
C PRO B 50 -5.56 1.98 2.86
N ASP B 51 -5.72 1.12 3.84
CA ASP B 51 -5.04 1.22 5.11
C ASP B 51 -3.79 0.36 5.06
N LEU B 52 -2.62 1.01 5.09
CA LEU B 52 -1.35 0.29 5.07
C LEU B 52 -0.90 -0.10 6.46
N SER B 53 -1.49 0.50 7.49
CA SER B 53 -1.43 -0.03 8.85
C SER B 53 -2.55 -1.07 8.97
N GLY B 54 -2.17 -2.33 8.89
CA GLY B 54 -3.09 -3.42 9.06
C GLY B 54 -2.34 -4.73 8.98
N PRO B 55 -2.93 -5.80 9.55
CA PRO B 55 -2.25 -7.11 9.57
C PRO B 55 -2.03 -7.70 8.19
N ILE B 56 -2.62 -7.10 7.18
CA ILE B 56 -2.47 -7.52 5.80
C ILE B 56 -1.60 -6.49 5.07
N SER B 57 -0.66 -6.98 4.28
CA SER B 57 0.17 -6.15 3.43
C SER B 57 -0.40 -6.14 2.02
N ILE B 58 -0.04 -5.12 1.26
CA ILE B 58 -0.51 -4.96 -0.10
C ILE B 58 0.69 -4.84 -1.02
N ALA B 59 0.56 -5.46 -2.18
CA ALA B 59 1.49 -5.30 -3.27
C ALA B 59 0.65 -4.92 -4.48
N THR B 60 1.27 -4.27 -5.44
CA THR B 60 0.56 -3.82 -6.62
C THR B 60 1.02 -4.63 -7.82
N ILE B 61 0.05 -5.04 -8.62
CA ILE B 61 0.30 -5.67 -9.90
C ILE B 61 -0.40 -4.85 -10.97
N SER B 62 -0.16 -5.19 -12.22
CA SER B 62 -0.78 -4.48 -13.32
C SER B 62 -1.65 -5.41 -14.17
N ASP B 63 -2.89 -5.01 -14.43
CA ASP B 63 -3.74 -5.65 -15.42
C ASP B 63 -3.60 -4.98 -16.78
N GLY B 64 -2.67 -4.02 -16.88
CA GLY B 64 -2.50 -3.27 -18.10
C GLY B 64 -3.40 -2.06 -18.24
N TYR B 65 -4.10 -1.66 -17.19
CA TYR B 65 -4.98 -0.48 -17.25
C TYR B 65 -4.86 0.36 -15.99
N ASP B 66 -3.62 0.62 -15.56
CA ASP B 66 -3.37 1.30 -14.27
C ASP B 66 -3.98 2.68 -14.18
N HIS B 67 -3.89 3.44 -15.27
CA HIS B 67 -4.50 4.75 -15.32
C HIS B 67 -6.01 4.65 -15.14
N GLY B 68 -6.66 3.83 -15.97
CA GLY B 68 -8.13 3.78 -16.01
C GLY B 68 -8.82 2.54 -15.49
N GLY B 69 -8.20 1.39 -15.57
CA GLY B 69 -8.91 0.17 -15.24
C GLY B 69 -9.79 -0.37 -16.36
N PHE B 70 -10.63 -1.34 -16.00
CA PHE B 70 -11.46 -2.08 -16.97
C PHE B 70 -12.12 -1.15 -17.97
N GLU B 71 -12.76 -0.08 -17.46
CA GLU B 71 -13.61 0.76 -18.29
C GLU B 71 -12.86 1.39 -19.46
N THR B 72 -11.53 1.42 -19.42
CA THR B 72 -10.77 1.89 -20.57
C THR B 72 -10.40 0.79 -21.54
N ALA B 73 -10.78 -0.44 -21.26
CA ALA B 73 -10.47 -1.53 -22.15
C ALA B 73 -11.52 -1.61 -23.26
N ASP B 74 -11.06 -1.94 -24.47
CA ASP B 74 -11.94 -1.96 -25.64
C ASP B 74 -13.02 -3.03 -25.52
N SER B 75 -12.77 -4.06 -24.72
CA SER B 75 -13.61 -5.23 -24.62
C SER B 75 -13.09 -6.12 -23.51
N ILE B 76 -14.01 -6.87 -22.90
CA ILE B 76 -13.64 -7.90 -21.93
C ILE B 76 -12.50 -8.77 -22.45
N ASP B 77 -12.53 -9.10 -23.74
CA ASP B 77 -11.54 -10.03 -24.26
C ASP B 77 -10.15 -9.40 -24.32
N ASP B 78 -10.04 -8.14 -24.77
CA ASP B 78 -8.76 -7.44 -24.70
C ASP B 78 -8.30 -7.33 -23.24
N TYR B 79 -9.24 -7.07 -22.32
CA TYR B 79 -8.86 -6.98 -20.92
C TYR B 79 -8.30 -8.29 -20.37
N LEU B 80 -8.94 -9.43 -20.69
CA LEU B 80 -8.47 -10.68 -20.06
C LEU B 80 -7.11 -11.08 -20.59
N LYS B 81 -6.85 -10.77 -21.86
CA LYS B 81 -5.58 -11.09 -22.46
C LYS B 81 -4.46 -10.19 -21.94
N ASP B 82 -4.73 -8.90 -21.81
CA ASP B 82 -3.70 -8.00 -21.31
C ASP B 82 -3.40 -8.27 -19.83
N PHE B 83 -4.45 -8.53 -19.05
CA PHE B 83 -4.28 -9.01 -17.68
C PHE B 83 -3.34 -10.20 -17.62
N LYS B 84 -3.47 -11.13 -18.57
CA LYS B 84 -2.59 -12.27 -18.51
C LYS B 84 -1.14 -11.82 -18.74
N THR B 85 -0.89 -11.08 -19.83
CA THR B 85 0.46 -10.57 -20.09
C THR B 85 0.99 -9.75 -18.91
N SER B 86 0.30 -8.65 -18.58
CA SER B 86 0.81 -7.75 -17.53
C SER B 86 0.80 -8.43 -16.17
N GLY B 87 -0.23 -9.22 -15.89
CA GLY B 87 -0.34 -9.81 -14.58
C GLY B 87 0.70 -10.89 -14.37
N SER B 88 1.02 -11.65 -15.43
CA SER B 88 2.05 -12.68 -15.31
C SER B 88 3.38 -12.05 -14.98
N LYS B 89 3.69 -10.95 -15.68
CA LYS B 89 4.93 -10.24 -15.48
C LYS B 89 4.96 -9.52 -14.11
N THR B 90 3.86 -8.86 -13.73
CA THR B 90 3.90 -8.11 -12.45
C THR B 90 3.93 -9.02 -11.24
N ILE B 91 3.23 -10.16 -11.24
CA ILE B 91 3.29 -11.09 -10.12
C ILE B 91 4.69 -11.68 -9.99
N ALA B 92 5.32 -12.03 -11.11
CA ALA B 92 6.70 -12.50 -11.07
C ALA B 92 7.59 -11.43 -10.43
N ASP B 93 7.33 -10.18 -10.78
CA ASP B 93 8.03 -9.06 -10.17
C ASP B 93 7.90 -9.09 -8.65
N ILE B 94 6.68 -9.24 -8.13
CA ILE B 94 6.53 -9.33 -6.68
C ILE B 94 7.37 -10.49 -6.14
N ILE B 95 7.30 -11.66 -6.78
CA ILE B 95 7.91 -12.84 -6.17
C ILE B 95 9.41 -12.63 -6.06
N GLN B 96 9.98 -12.11 -7.15
CA GLN B 96 11.41 -11.83 -7.23
C GLN B 96 11.82 -10.82 -6.18
N LYS B 97 11.05 -9.73 -6.04
CA LYS B 97 11.40 -8.71 -5.06
C LYS B 97 11.46 -9.25 -3.63
N HIS B 98 10.62 -10.22 -3.27
CA HIS B 98 10.69 -10.78 -1.93
C HIS B 98 11.68 -11.92 -1.79
N GLN B 99 12.37 -12.30 -2.88
CA GLN B 99 13.25 -13.46 -2.84
C GLN B 99 14.35 -13.33 -1.78
N THR B 100 14.90 -12.12 -1.60
CA THR B 100 15.94 -11.89 -0.62
C THR B 100 15.39 -11.39 0.73
N SER B 101 14.09 -11.36 0.90
CA SER B 101 13.54 -10.96 2.19
C SER B 101 13.75 -12.11 3.18
N ASP B 102 13.31 -11.91 4.42
CA ASP B 102 13.26 -13.00 5.38
C ASP B 102 11.96 -13.81 5.30
N ASN B 103 10.95 -13.29 4.63
CA ASN B 103 9.73 -14.04 4.35
C ASN B 103 9.49 -14.02 2.85
N PRO B 104 10.14 -14.90 2.11
CA PRO B 104 9.89 -14.96 0.68
C PRO B 104 8.51 -15.56 0.40
N ILE B 105 7.95 -15.15 -0.74
CA ILE B 105 6.68 -15.73 -1.13
C ILE B 105 6.83 -17.21 -1.28
N THR B 106 5.94 -17.99 -0.67
CA THR B 106 6.03 -19.45 -0.79
C THR B 106 4.83 -20.06 -1.52
N CYS B 107 3.72 -19.32 -1.64
CA CYS B 107 2.48 -19.89 -2.17
C CYS B 107 1.67 -18.79 -2.85
N ILE B 108 1.17 -19.08 -4.05
CA ILE B 108 0.19 -18.22 -4.73
C ILE B 108 -1.19 -18.81 -4.52
N VAL B 109 -2.04 -18.10 -3.81
CA VAL B 109 -3.48 -18.31 -3.76
C VAL B 109 -4.04 -17.31 -4.76
N TYR B 110 -4.42 -17.82 -5.94
CA TYR B 110 -4.87 -17.03 -7.08
C TYR B 110 -6.32 -17.31 -7.43
N ASP B 111 -6.98 -16.27 -7.95
CA ASP B 111 -8.37 -16.38 -8.37
C ASP B 111 -8.52 -17.40 -9.49
N ALA B 112 -9.49 -18.31 -9.29
CA ALA B 112 -9.81 -19.31 -10.31
C ALA B 112 -10.12 -18.70 -11.67
N PHE B 113 -10.78 -17.54 -11.70
CA PHE B 113 -10.96 -16.84 -13.00
C PHE B 113 -9.66 -16.59 -13.75
N LEU B 114 -8.49 -16.87 -13.16
CA LEU B 114 -7.18 -16.49 -13.70
C LEU B 114 -6.23 -17.69 -13.69
N PRO B 115 -6.53 -18.73 -14.46
CA PRO B 115 -5.74 -19.97 -14.36
C PRO B 115 -4.27 -19.79 -14.72
N TRP B 116 -3.92 -18.80 -15.53
CA TRP B 116 -2.52 -18.53 -15.87
C TRP B 116 -1.66 -18.18 -14.66
N ALA B 117 -2.26 -17.82 -13.53
CA ALA B 117 -1.41 -17.52 -12.37
C ALA B 117 -0.76 -18.78 -11.85
N LEU B 118 -1.33 -19.95 -12.17
CA LEU B 118 -0.71 -21.20 -11.76
C LEU B 118 0.65 -21.35 -12.41
N ASP B 119 0.72 -21.11 -13.72
CA ASP B 119 1.98 -21.23 -14.42
C ASP B 119 3.06 -20.36 -13.82
N VAL B 120 2.67 -19.19 -13.29
CA VAL B 120 3.63 -18.29 -12.63
C VAL B 120 4.09 -18.92 -11.31
N ALA B 121 3.14 -19.36 -10.49
CA ALA B 121 3.46 -20.11 -9.28
C ALA B 121 4.37 -21.30 -9.55
N ARG B 122 4.14 -22.02 -10.66
CA ARG B 122 4.96 -23.22 -10.86
C ARG B 122 6.36 -22.87 -11.32
N GLU B 123 6.50 -21.76 -12.02
CA GLU B 123 7.81 -21.37 -12.49
C GLU B 123 8.72 -21.01 -11.32
N PHE B 124 8.16 -20.49 -10.22
CA PHE B 124 8.96 -20.17 -9.05
C PHE B 124 8.88 -21.25 -7.96
N GLY B 125 8.45 -22.47 -8.30
CA GLY B 125 8.43 -23.54 -7.30
C GLY B 125 7.49 -23.30 -6.13
N LEU B 126 6.52 -22.41 -6.27
CA LEU B 126 5.63 -22.16 -5.16
C LEU B 126 4.50 -23.18 -5.10
N VAL B 127 3.95 -23.32 -3.89
CA VAL B 127 2.66 -23.95 -3.73
C VAL B 127 1.62 -23.07 -4.41
N ALA B 128 0.64 -23.72 -5.04
CA ALA B 128 -0.27 -23.02 -5.94
C ALA B 128 -1.70 -23.52 -5.73
N THR B 129 -2.64 -22.58 -5.76
CA THR B 129 -3.97 -22.82 -5.21
C THR B 129 -5.01 -21.91 -5.85
N PRO B 130 -5.89 -22.42 -6.70
CA PRO B 130 -6.98 -21.58 -7.18
C PRO B 130 -7.97 -21.36 -6.04
N PHE B 131 -8.61 -20.20 -6.06
CA PHE B 131 -9.62 -19.85 -5.07
C PHE B 131 -10.92 -19.65 -5.85
N PHE B 132 -11.92 -20.49 -5.61
CA PHE B 132 -13.22 -20.37 -6.28
C PHE B 132 -14.13 -19.54 -5.39
N THR B 133 -14.44 -18.33 -5.84
CA THR B 133 -15.30 -17.44 -5.08
C THR B 133 -16.77 -17.75 -5.29
N GLN B 134 -17.09 -18.70 -6.15
CA GLN B 134 -18.47 -19.08 -6.31
C GLN B 134 -18.73 -20.47 -5.70
N PRO B 135 -19.98 -20.79 -5.35
CA PRO B 135 -20.26 -22.02 -4.58
C PRO B 135 -20.04 -23.30 -5.40
N CYS B 136 -20.06 -24.44 -4.68
CA CYS B 136 -19.76 -25.73 -5.29
C CYS B 136 -20.71 -26.04 -6.43
N ALA B 137 -22.01 -25.90 -6.20
CA ALA B 137 -22.94 -26.31 -7.23
C ALA B 137 -22.67 -25.53 -8.51
N VAL B 138 -22.44 -24.22 -8.41
CA VAL B 138 -22.13 -23.44 -9.61
C VAL B 138 -20.90 -24.01 -10.31
N ASN B 139 -19.78 -24.12 -9.58
CA ASN B 139 -18.53 -24.57 -10.18
C ASN B 139 -18.62 -25.98 -10.74
N TYR B 140 -19.33 -26.87 -10.06
CA TYR B 140 -19.46 -28.24 -10.56
C TYR B 140 -20.14 -28.26 -11.93
N VAL B 141 -21.29 -27.59 -12.02
CA VAL B 141 -22.00 -27.45 -13.28
C VAL B 141 -21.09 -26.96 -14.38
N TYR B 142 -20.31 -25.91 -14.10
CA TYR B 142 -19.38 -25.39 -15.11
C TYR B 142 -18.36 -26.45 -15.47
N TYR B 143 -17.90 -27.22 -14.46
CA TYR B 143 -16.93 -28.28 -14.69
C TYR B 143 -17.50 -29.36 -15.58
N LEU B 144 -18.73 -29.80 -15.32
CA LEU B 144 -19.39 -30.74 -16.23
C LEU B 144 -19.49 -30.15 -17.63
N SER B 145 -19.77 -28.86 -17.72
CA SER B 145 -19.74 -28.23 -19.03
C SER B 145 -18.34 -28.27 -19.64
N TYR B 146 -17.31 -28.07 -18.81
CA TYR B 146 -15.94 -28.04 -19.35
C TYR B 146 -15.56 -29.40 -19.94
N ILE B 147 -16.02 -30.48 -19.31
CA ILE B 147 -15.72 -31.82 -19.80
C ILE B 147 -16.55 -32.15 -21.06
N ASN B 148 -17.75 -31.59 -21.18
CA ASN B 148 -18.65 -31.81 -22.31
C ASN B 148 -18.46 -30.75 -23.39
N ASN B 149 -17.22 -30.34 -23.61
CA ASN B 149 -16.85 -29.40 -24.67
C ASN B 149 -17.73 -28.14 -24.66
N GLY B 150 -18.04 -27.67 -23.47
CA GLY B 150 -18.62 -26.35 -23.36
C GLY B 150 -20.10 -26.27 -23.59
N SER B 151 -20.84 -27.37 -23.46
CA SER B 151 -22.30 -27.32 -23.46
C SER B 151 -22.83 -28.28 -22.40
N LEU B 152 -24.13 -28.18 -22.13
CA LEU B 152 -24.82 -29.06 -21.19
C LEU B 152 -26.11 -29.58 -21.80
N GLN B 153 -26.47 -30.81 -21.44
CA GLN B 153 -27.73 -31.41 -21.85
C GLN B 153 -28.58 -31.69 -20.63
N LEU B 154 -29.74 -31.15 -20.62
CA LEU B 154 -30.60 -31.34 -19.46
C LEU B 154 -31.50 -32.56 -19.67
N PRO B 155 -31.71 -33.38 -18.63
CA PRO B 155 -31.27 -33.14 -17.25
C PRO B 155 -29.81 -33.49 -16.99
N ILE B 156 -29.31 -32.96 -15.89
CA ILE B 156 -27.99 -33.32 -15.38
C ILE B 156 -28.18 -34.51 -14.47
N GLU B 157 -27.54 -35.63 -14.82
CA GLU B 157 -27.74 -36.90 -14.13
C GLU B 157 -27.65 -36.76 -12.61
N GLU B 158 -26.70 -36.00 -12.11
CA GLU B 158 -26.46 -35.99 -10.69
C GLU B 158 -27.31 -34.97 -9.93
N LEU B 159 -27.88 -33.98 -10.62
CA LEU B 159 -28.72 -32.95 -10.01
C LEU B 159 -29.92 -32.72 -10.93
N PRO B 160 -30.86 -33.65 -10.96
CA PRO B 160 -31.92 -33.59 -11.97
C PRO B 160 -32.88 -32.43 -11.78
N PHE B 161 -32.96 -31.84 -10.59
CA PHE B 161 -33.94 -30.80 -10.31
C PHE B 161 -33.58 -29.45 -10.93
N LEU B 162 -32.61 -29.42 -11.83
CA LEU B 162 -32.20 -28.18 -12.46
C LEU B 162 -32.83 -28.06 -13.84
N GLU B 163 -33.47 -26.94 -14.10
CA GLU B 163 -33.98 -26.61 -15.43
C GLU B 163 -33.10 -25.54 -16.05
N LEU B 164 -33.27 -25.33 -17.36
CA LEU B 164 -32.48 -24.31 -18.05
C LEU B 164 -32.62 -22.94 -17.36
N GLN B 165 -33.82 -22.65 -16.89
CA GLN B 165 -34.08 -21.46 -16.07
C GLN B 165 -33.20 -21.38 -14.83
N ASP B 166 -32.69 -22.51 -14.33
CA ASP B 166 -31.85 -22.49 -13.14
C ASP B 166 -30.37 -22.35 -13.44
N LEU B 167 -29.94 -22.65 -14.67
CA LEU B 167 -28.53 -22.68 -14.98
C LEU B 167 -27.92 -21.28 -15.03
N PRO B 168 -26.57 -21.19 -14.98
CA PRO B 168 -25.91 -19.91 -15.22
C PRO B 168 -26.36 -19.30 -16.54
N SER B 169 -26.41 -17.97 -16.55
CA SER B 169 -26.96 -17.24 -17.69
C SER B 169 -26.28 -17.60 -19.00
N PHE B 170 -25.03 -18.07 -18.97
CA PHE B 170 -24.36 -18.35 -20.23
C PHE B 170 -25.03 -19.49 -20.97
N PHE B 171 -25.62 -20.43 -20.23
CA PHE B 171 -26.31 -21.56 -20.85
C PHE B 171 -27.67 -21.19 -21.42
N SER B 172 -28.39 -20.27 -20.77
CA SER B 172 -29.73 -19.94 -21.26
C SER B 172 -29.77 -18.68 -22.13
N VAL B 173 -28.68 -17.92 -22.19
CA VAL B 173 -28.60 -16.82 -23.14
C VAL B 173 -27.52 -17.13 -24.18
N SER B 174 -27.93 -17.79 -25.27
CA SER B 174 -27.00 -18.27 -26.29
C SER B 174 -26.08 -17.17 -26.82
N GLY B 175 -24.78 -17.39 -26.69
CA GLY B 175 -23.80 -16.55 -27.33
C GLY B 175 -23.46 -15.26 -26.60
N SER B 176 -24.12 -14.96 -25.49
CA SER B 176 -23.87 -13.72 -24.77
C SER B 176 -22.59 -13.83 -23.96
N TYR B 177 -21.81 -12.76 -23.94
CA TYR B 177 -20.58 -12.67 -23.16
C TYR B 177 -19.64 -13.87 -23.42
N PRO B 178 -19.28 -14.12 -24.68
CA PRO B 178 -18.42 -15.28 -24.95
C PRO B 178 -17.12 -15.28 -24.17
N ALA B 179 -16.47 -14.13 -24.00
CA ALA B 179 -15.19 -14.14 -23.29
C ALA B 179 -15.37 -14.51 -21.83
N TYR B 180 -16.47 -14.04 -21.22
CA TYR B 180 -16.73 -14.35 -19.82
C TYR B 180 -17.05 -15.83 -19.68
N PHE B 181 -17.82 -16.35 -20.63
CA PHE B 181 -18.13 -17.77 -20.63
C PHE B 181 -16.88 -18.61 -20.88
N GLU B 182 -16.02 -18.19 -21.82
CA GLU B 182 -14.76 -18.92 -22.00
C GLU B 182 -13.92 -18.91 -20.73
N MET B 183 -13.93 -17.78 -20.00
CA MET B 183 -13.11 -17.68 -18.80
C MET B 183 -13.59 -18.66 -17.73
N VAL B 184 -14.88 -18.60 -17.36
CA VAL B 184 -15.30 -19.43 -16.24
C VAL B 184 -15.19 -20.93 -16.56
N LEU B 185 -15.29 -21.34 -17.84
CA LEU B 185 -14.99 -22.74 -18.11
C LEU B 185 -13.50 -23.02 -17.97
N GLN B 186 -12.66 -22.13 -18.48
CA GLN B 186 -11.23 -22.37 -18.42
C GLN B 186 -10.64 -22.32 -17.02
N GLN B 187 -11.41 -22.00 -15.99
CA GLN B 187 -10.96 -22.26 -14.63
C GLN B 187 -10.46 -23.69 -14.45
N PHE B 188 -10.89 -24.62 -15.31
CA PHE B 188 -10.60 -26.02 -15.09
C PHE B 188 -9.51 -26.59 -16.00
N ILE B 189 -8.97 -25.79 -16.92
CA ILE B 189 -7.95 -26.33 -17.82
C ILE B 189 -6.83 -27.00 -17.03
N ASN B 190 -6.37 -26.35 -15.94
CA ASN B 190 -5.23 -26.84 -15.17
C ASN B 190 -5.49 -27.05 -13.68
N PHE B 191 -6.72 -26.88 -13.20
CA PHE B 191 -6.93 -26.91 -11.75
C PHE B 191 -6.61 -28.26 -11.09
N GLU B 192 -6.60 -29.39 -11.83
CA GLU B 192 -6.20 -30.64 -11.18
C GLU B 192 -4.74 -30.57 -10.75
N LYS B 193 -3.93 -29.74 -11.40
CA LYS B 193 -2.50 -29.70 -11.10
C LYS B 193 -2.19 -28.89 -9.84
N ALA B 194 -3.14 -28.08 -9.35
CA ALA B 194 -2.89 -27.31 -8.14
C ALA B 194 -2.69 -28.24 -6.95
N ASP B 195 -1.97 -27.72 -5.94
CA ASP B 195 -1.81 -28.45 -4.69
C ASP B 195 -3.16 -28.66 -4.00
N PHE B 196 -3.99 -27.62 -3.98
CA PHE B 196 -5.32 -27.66 -3.41
C PHE B 196 -6.23 -26.84 -4.30
N VAL B 197 -7.53 -26.99 -4.08
CA VAL B 197 -8.56 -26.16 -4.70
C VAL B 197 -9.42 -25.60 -3.57
N LEU B 198 -9.51 -24.29 -3.46
CA LEU B 198 -10.23 -23.65 -2.38
C LEU B 198 -11.59 -23.16 -2.89
N VAL B 199 -12.63 -23.28 -2.06
CA VAL B 199 -14.00 -22.87 -2.41
C VAL B 199 -14.59 -22.06 -1.27
N ASN B 200 -15.14 -20.88 -1.61
CA ASN B 200 -15.75 -19.97 -0.60
C ASN B 200 -17.18 -20.43 -0.32
N SER B 201 -17.25 -21.53 0.41
CA SER B 201 -18.49 -22.16 0.82
C SER B 201 -18.14 -23.03 2.01
N PHE B 202 -19.17 -23.49 2.72
CA PHE B 202 -18.97 -24.53 3.71
C PHE B 202 -19.70 -25.80 3.31
N GLN B 203 -19.03 -26.92 3.58
CA GLN B 203 -19.48 -28.25 3.20
C GLN B 203 -20.94 -28.47 3.50
N GLU B 204 -21.36 -28.18 4.73
CA GLU B 204 -22.71 -28.49 5.15
C GLU B 204 -23.77 -27.72 4.35
N LEU B 205 -23.40 -26.68 3.59
CA LEU B 205 -24.39 -25.92 2.83
C LEU B 205 -24.75 -26.58 1.51
N GLU B 206 -23.81 -27.35 0.94
CA GLU B 206 -23.97 -28.01 -0.36
C GLU B 206 -23.41 -29.44 -0.34
N LEU B 207 -23.85 -30.26 0.62
CA LEU B 207 -23.21 -31.56 0.85
C LEU B 207 -23.09 -32.41 -0.42
N HIS B 208 -24.19 -32.58 -1.17
CA HIS B 208 -24.15 -33.45 -2.33
C HIS B 208 -23.20 -32.90 -3.41
N GLU B 209 -23.40 -31.63 -3.79
CA GLU B 209 -22.59 -31.00 -4.83
C GLU B 209 -21.13 -30.98 -4.45
N ASN B 210 -20.86 -30.72 -3.16
CA ASN B 210 -19.49 -30.76 -2.68
C ASN B 210 -18.85 -32.12 -2.95
N GLU B 211 -19.56 -33.20 -2.63
CA GLU B 211 -18.97 -34.53 -2.80
C GLU B 211 -18.90 -34.90 -4.26
N LEU B 212 -19.91 -34.52 -5.05
CA LEU B 212 -19.84 -34.71 -6.49
C LEU B 212 -18.58 -34.09 -7.06
N TRP B 213 -18.36 -32.81 -6.76
CA TRP B 213 -17.27 -32.08 -7.41
C TRP B 213 -15.91 -32.61 -6.99
N SER B 214 -15.77 -32.98 -5.71
CA SER B 214 -14.47 -33.43 -5.22
C SER B 214 -14.17 -34.87 -5.60
N LYS B 215 -15.16 -35.64 -6.03
CA LYS B 215 -14.86 -36.93 -6.63
C LYS B 215 -14.13 -36.73 -7.94
N ALA B 216 -14.54 -35.71 -8.71
CA ALA B 216 -13.78 -35.34 -9.89
C ALA B 216 -12.42 -34.77 -9.52
N CYS B 217 -12.35 -34.02 -8.44
CA CYS B 217 -11.09 -33.43 -7.98
C CYS B 217 -11.20 -32.89 -6.55
N PRO B 218 -10.33 -33.29 -5.63
CA PRO B 218 -10.46 -32.87 -4.23
C PRO B 218 -10.43 -31.35 -4.07
N VAL B 219 -11.43 -30.82 -3.35
CA VAL B 219 -11.57 -29.40 -3.04
C VAL B 219 -11.64 -29.22 -1.53
N LEU B 220 -11.24 -28.05 -1.08
CA LEU B 220 -11.38 -27.69 0.34
C LEU B 220 -12.33 -26.50 0.44
N THR B 221 -13.47 -26.70 1.07
CA THR B 221 -14.30 -25.56 1.39
C THR B 221 -13.66 -24.83 2.55
N ILE B 222 -13.47 -23.53 2.38
CA ILE B 222 -12.86 -22.71 3.41
C ILE B 222 -13.75 -21.54 3.80
N GLY B 223 -15.00 -21.54 3.35
CA GLY B 223 -15.93 -20.46 3.61
C GLY B 223 -16.87 -20.77 4.76
N PRO B 224 -17.79 -19.84 5.07
CA PRO B 224 -17.97 -18.55 4.38
C PRO B 224 -17.04 -17.47 4.89
N THR B 225 -16.91 -16.40 4.11
CA THR B 225 -15.99 -15.30 4.35
C THR B 225 -16.66 -14.13 5.05
N ILE B 226 -17.79 -14.35 5.67
CA ILE B 226 -18.46 -13.29 6.43
C ILE B 226 -17.65 -13.01 7.68
N PRO B 227 -17.49 -11.74 8.09
CA PRO B 227 -16.55 -11.42 9.18
C PRO B 227 -16.85 -12.24 10.43
N SER B 228 -15.76 -12.59 11.14
CA SER B 228 -15.85 -13.44 12.33
C SER B 228 -16.88 -12.92 13.32
N ILE B 229 -16.89 -11.61 13.57
CA ILE B 229 -17.71 -11.04 14.63
C ILE B 229 -19.17 -11.48 14.48
N TYR B 230 -19.63 -11.71 13.25
CA TYR B 230 -21.02 -12.05 13.06
C TYR B 230 -21.29 -13.54 13.12
N LEU B 231 -20.27 -14.40 13.03
CA LEU B 231 -20.58 -15.81 13.22
C LEU B 231 -19.86 -16.49 14.38
N ASP B 232 -18.58 -16.80 14.23
CA ASP B 232 -17.91 -17.66 15.19
C ASP B 232 -17.29 -16.85 16.33
N GLN B 233 -16.87 -15.61 16.04
CA GLN B 233 -16.31 -14.65 16.97
C GLN B 233 -14.95 -15.08 17.52
N ARG B 234 -14.22 -15.94 16.82
CA ARG B 234 -12.89 -16.27 17.30
C ARG B 234 -11.89 -15.15 17.00
N ILE B 235 -12.14 -14.34 15.98
CA ILE B 235 -11.22 -13.29 15.56
C ILE B 235 -11.90 -11.95 15.79
N LYS B 236 -11.59 -11.30 16.93
CA LYS B 236 -12.37 -10.12 17.33
C LYS B 236 -12.02 -8.89 16.53
N SER B 237 -10.88 -8.89 15.84
CA SER B 237 -10.47 -7.77 15.01
C SER B 237 -11.15 -7.77 13.64
N ASP B 238 -11.93 -8.83 13.33
CA ASP B 238 -12.60 -8.99 12.04
C ASP B 238 -14.03 -8.50 12.20
N THR B 239 -14.18 -7.18 12.05
CA THR B 239 -15.41 -6.50 12.42
C THR B 239 -16.29 -6.21 11.21
N GLY B 240 -15.71 -6.14 10.03
CA GLY B 240 -16.46 -5.92 8.81
C GLY B 240 -15.60 -6.01 7.57
N TYR B 241 -16.16 -5.56 6.47
CA TYR B 241 -15.38 -5.47 5.24
C TYR B 241 -14.60 -4.17 5.24
N ASP B 242 -13.28 -4.27 5.12
CA ASP B 242 -12.41 -3.10 5.26
C ASP B 242 -11.66 -2.76 3.97
N LEU B 243 -11.98 -3.41 2.85
CA LEU B 243 -11.45 -3.05 1.54
C LEU B 243 -12.67 -2.83 0.64
N ASN B 244 -13.01 -1.56 0.43
CA ASN B 244 -14.20 -1.18 -0.30
C ASN B 244 -13.78 -0.39 -1.53
N LEU B 245 -14.44 -0.65 -2.66
CA LEU B 245 -14.16 0.10 -3.87
C LEU B 245 -15.17 1.21 -4.09
N PHE B 246 -16.22 1.25 -3.28
CA PHE B 246 -17.22 2.31 -3.31
C PHE B 246 -17.23 2.97 -1.95
N GLU B 247 -17.17 4.30 -1.92
CA GLU B 247 -17.14 4.99 -0.64
C GLU B 247 -18.55 5.20 -0.14
N SER B 248 -18.78 4.87 1.13
CA SER B 248 -20.10 4.84 1.70
C SER B 248 -20.40 6.19 2.34
N LYS B 249 -21.59 6.74 2.06
CA LYS B 249 -21.93 7.98 2.74
C LYS B 249 -22.13 7.64 4.23
N ASP B 250 -21.07 7.88 5.03
CA ASP B 250 -21.24 8.12 6.46
C ASP B 250 -22.08 7.00 7.04
N ASP B 251 -21.51 5.82 7.12
CA ASP B 251 -22.15 4.55 7.47
C ASP B 251 -23.35 4.69 8.42
N SER B 252 -23.21 5.50 9.48
CA SER B 252 -24.22 5.45 10.53
C SER B 252 -25.46 6.30 10.28
N PHE B 253 -25.48 7.27 9.35
CA PHE B 253 -26.80 7.86 9.06
C PHE B 253 -27.80 6.77 8.71
N CYS B 254 -27.36 5.81 7.89
CA CYS B 254 -28.21 4.70 7.47
C CYS B 254 -28.60 3.81 8.64
N ILE B 255 -27.60 3.38 9.44
CA ILE B 255 -27.91 2.52 10.58
C ILE B 255 -28.72 3.27 11.63
N ASN B 256 -28.47 4.56 11.82
CA ASN B 256 -29.32 5.35 12.72
C ASN B 256 -30.77 5.32 12.27
N TRP B 257 -30.99 5.46 10.96
CA TRP B 257 -32.33 5.57 10.40
C TRP B 257 -33.09 4.25 10.50
N LEU B 258 -32.38 3.13 10.50
CA LEU B 258 -33.02 1.83 10.68
C LEU B 258 -33.33 1.54 12.14
N ASP B 259 -32.54 2.05 13.04
CA ASP B 259 -32.91 1.96 14.44
C ASP B 259 -34.09 2.86 14.79
N THR B 260 -34.70 3.48 13.79
CA THR B 260 -35.91 4.27 13.94
C THR B 260 -37.14 3.55 13.47
N ARG B 261 -36.99 2.36 12.92
CA ARG B 261 -38.18 1.85 12.27
C ARG B 261 -38.57 0.49 12.88
N PRO B 262 -39.84 0.07 12.81
CA PRO B 262 -40.23 -1.08 13.64
C PRO B 262 -39.57 -2.35 13.18
N GLN B 263 -39.54 -3.31 14.08
CA GLN B 263 -38.80 -4.53 13.89
C GLN B 263 -39.51 -5.30 12.76
N GLY B 264 -38.97 -5.14 11.54
CA GLY B 264 -39.29 -5.96 10.39
C GLY B 264 -39.96 -5.26 9.25
N SER B 265 -39.91 -3.94 9.23
CA SER B 265 -40.76 -3.13 8.40
C SER B 265 -40.07 -2.67 7.13
N VAL B 266 -38.73 -2.69 7.06
CA VAL B 266 -38.08 -2.07 5.90
C VAL B 266 -37.55 -3.16 4.97
N VAL B 267 -37.72 -2.91 3.68
CA VAL B 267 -37.31 -3.80 2.61
C VAL B 267 -36.02 -3.24 2.04
N TYR B 268 -34.97 -4.06 2.06
CA TYR B 268 -33.66 -3.68 1.56
C TYR B 268 -33.49 -4.27 0.17
N VAL B 269 -33.01 -3.45 -0.76
CA VAL B 269 -32.87 -3.92 -2.14
C VAL B 269 -31.58 -3.39 -2.76
N ALA B 270 -30.72 -4.33 -3.18
CA ALA B 270 -29.37 -4.05 -3.66
C ALA B 270 -29.02 -5.06 -4.75
N PHE B 271 -28.28 -4.59 -5.76
CA PHE B 271 -27.91 -5.43 -6.89
C PHE B 271 -26.39 -5.57 -7.03
N GLY B 272 -25.70 -5.45 -5.90
CA GLY B 272 -24.27 -5.64 -5.88
C GLY B 272 -23.49 -4.50 -6.51
N SER B 273 -22.34 -4.84 -7.08
CA SER B 273 -21.37 -3.85 -7.52
C SER B 273 -21.32 -3.61 -9.02
N MET B 274 -21.89 -4.49 -9.84
CA MET B 274 -21.81 -4.27 -11.27
C MET B 274 -23.07 -4.63 -12.03
N ALA B 275 -24.13 -5.09 -11.37
CA ALA B 275 -25.37 -5.30 -12.09
C ALA B 275 -25.86 -3.97 -12.62
N GLN B 276 -26.44 -3.99 -13.82
CA GLN B 276 -26.92 -2.78 -14.47
C GLN B 276 -28.29 -3.07 -15.05
N LEU B 277 -29.28 -2.34 -14.58
CA LEU B 277 -30.65 -2.52 -15.05
C LEU B 277 -30.99 -1.44 -16.06
N THR B 278 -31.99 -1.74 -16.87
CA THR B 278 -32.36 -0.84 -17.96
C THR B 278 -33.34 0.21 -17.47
N ASN B 279 -33.63 1.15 -18.37
CA ASN B 279 -34.65 2.16 -18.10
C ASN B 279 -35.96 1.50 -17.70
N VAL B 280 -36.48 0.65 -18.59
CA VAL B 280 -37.74 0.00 -18.28
C VAL B 280 -37.65 -0.73 -16.95
N GLN B 281 -36.61 -1.56 -16.78
CA GLN B 281 -36.51 -2.36 -15.56
C GLN B 281 -36.43 -1.49 -14.32
N MET B 282 -35.80 -0.32 -14.42
CA MET B 282 -35.65 0.52 -13.24
C MET B 282 -36.99 1.05 -12.75
N GLU B 283 -37.85 1.52 -13.67
CA GLU B 283 -39.14 2.09 -13.25
C GLU B 283 -40.06 1.00 -12.72
N GLU B 284 -40.09 -0.16 -13.39
CA GLU B 284 -40.77 -1.34 -12.87
C GLU B 284 -40.44 -1.57 -11.40
N LEU B 285 -39.15 -1.78 -11.13
CA LEU B 285 -38.67 -1.87 -9.77
C LEU B 285 -39.10 -0.68 -8.94
N ALA B 286 -38.87 0.53 -9.45
CA ALA B 286 -39.11 1.75 -8.68
C ALA B 286 -40.56 1.84 -8.22
N SER B 287 -41.51 1.41 -9.06
CA SER B 287 -42.91 1.47 -8.68
C SER B 287 -43.24 0.46 -7.61
N ALA B 288 -43.04 -0.83 -7.91
CA ALA B 288 -43.32 -1.91 -6.96
C ALA B 288 -42.69 -1.63 -5.61
N VAL B 289 -41.43 -1.25 -5.62
CA VAL B 289 -40.74 -0.95 -4.38
C VAL B 289 -41.45 0.15 -3.60
N SER B 290 -42.04 1.13 -4.30
CA SER B 290 -42.62 2.29 -3.64
C SER B 290 -43.91 1.98 -2.88
N ASN B 291 -44.36 0.73 -2.84
CA ASN B 291 -45.50 0.38 -2.01
C ASN B 291 -45.13 0.21 -0.55
N PHE B 292 -43.84 0.18 -0.23
CA PHE B 292 -43.38 -0.28 1.06
C PHE B 292 -42.47 0.75 1.71
N SER B 293 -42.09 0.39 2.94
CA SER B 293 -40.96 0.98 3.63
C SER B 293 -39.69 0.32 3.07
N PHE B 294 -38.90 1.06 2.31
CA PHE B 294 -37.80 0.45 1.55
C PHE B 294 -36.49 1.20 1.73
N LEU B 295 -35.39 0.45 1.67
CA LEU B 295 -34.04 0.99 1.66
C LEU B 295 -33.38 0.47 0.37
N TRP B 296 -33.18 1.37 -0.60
CA TRP B 296 -32.78 0.99 -1.96
C TRP B 296 -31.40 1.55 -2.28
N VAL B 297 -30.48 0.67 -2.66
CA VAL B 297 -29.17 1.09 -3.13
C VAL B 297 -29.22 1.27 -4.64
N VAL B 298 -29.10 2.52 -5.08
CA VAL B 298 -28.97 2.85 -6.49
C VAL B 298 -27.58 3.45 -6.67
N ARG B 299 -26.68 2.69 -7.29
CA ARG B 299 -25.34 3.17 -7.54
C ARG B 299 -25.37 4.33 -8.53
N SER B 300 -24.42 5.25 -8.35
CA SER B 300 -24.42 6.53 -9.08
C SER B 300 -24.66 6.34 -10.57
N SER B 301 -23.89 5.44 -11.20
CA SER B 301 -24.01 5.21 -12.64
C SER B 301 -25.40 4.80 -13.04
N GLU B 302 -26.21 4.33 -12.10
CA GLU B 302 -27.52 3.81 -12.41
C GLU B 302 -28.65 4.73 -11.96
N GLU B 303 -28.31 5.97 -11.55
CA GLU B 303 -29.36 6.89 -11.14
C GLU B 303 -30.15 7.38 -12.35
N GLU B 304 -29.44 7.82 -13.40
CA GLU B 304 -30.09 8.45 -14.55
C GLU B 304 -31.22 7.61 -15.12
N LYS B 305 -31.20 6.29 -14.91
CA LYS B 305 -32.22 5.40 -15.46
C LYS B 305 -33.43 5.26 -14.54
N LEU B 306 -33.48 6.03 -13.44
CA LEU B 306 -34.71 6.11 -12.66
C LEU B 306 -35.72 7.02 -13.39
N PRO B 307 -37.02 6.79 -13.19
CA PRO B 307 -38.03 7.63 -13.84
C PRO B 307 -37.93 9.09 -13.40
N SER B 308 -38.77 9.93 -14.02
CA SER B 308 -38.72 11.37 -13.81
C SER B 308 -39.07 11.72 -12.36
N GLY B 309 -38.15 12.43 -11.70
CA GLY B 309 -38.42 12.99 -10.37
C GLY B 309 -38.65 11.98 -9.28
N PHE B 310 -38.12 10.77 -9.42
CA PHE B 310 -38.43 9.71 -8.46
C PHE B 310 -37.76 9.96 -7.11
N LEU B 311 -36.55 10.51 -7.12
CA LEU B 311 -35.82 10.70 -5.86
C LEU B 311 -36.48 11.72 -4.95
N GLU B 312 -37.29 12.64 -5.49
CA GLU B 312 -38.00 13.60 -4.64
C GLU B 312 -39.24 12.97 -4.01
N THR B 313 -39.94 12.13 -4.76
CA THR B 313 -41.21 11.58 -4.31
C THR B 313 -41.03 10.55 -3.19
N VAL B 314 -39.81 10.18 -2.84
CA VAL B 314 -39.67 9.27 -1.70
C VAL B 314 -39.97 10.05 -0.43
N ASN B 315 -41.11 9.74 0.20
CA ASN B 315 -41.37 10.33 1.50
C ASN B 315 -40.35 9.76 2.47
N LYS B 316 -39.97 10.58 3.45
CA LYS B 316 -38.68 10.37 4.08
C LYS B 316 -38.74 9.51 5.34
N GLU B 317 -39.91 9.36 5.95
CA GLU B 317 -40.05 8.45 7.07
C GLU B 317 -40.48 7.05 6.66
N LYS B 318 -40.74 6.81 5.37
CA LYS B 318 -40.96 5.46 4.89
C LYS B 318 -39.70 4.83 4.30
N SER B 319 -38.91 5.60 3.55
CA SER B 319 -37.95 5.00 2.65
C SER B 319 -36.77 5.93 2.40
N LEU B 320 -35.69 5.32 1.91
CA LEU B 320 -34.40 5.98 1.72
C LEU B 320 -33.65 5.32 0.57
N VAL B 321 -32.98 6.15 -0.24
CA VAL B 321 -32.23 5.71 -1.41
C VAL B 321 -30.77 6.09 -1.20
N LEU B 322 -29.84 5.16 -1.49
CA LEU B 322 -28.42 5.34 -1.19
C LEU B 322 -27.55 5.14 -2.42
N LYS B 323 -26.27 5.51 -2.23
CA LYS B 323 -25.22 5.34 -3.23
C LYS B 323 -24.57 3.98 -3.13
N TRP B 324 -24.56 3.42 -1.92
CA TRP B 324 -23.84 2.25 -1.48
C TRP B 324 -24.27 2.09 -0.03
N SER B 325 -24.00 0.93 0.55
CA SER B 325 -24.55 0.70 1.88
C SER B 325 -23.58 -0.13 2.68
N PRO B 326 -23.58 0.01 3.93
CA PRO B 326 -22.81 -0.91 4.79
C PRO B 326 -23.57 -2.21 4.95
N GLN B 327 -23.61 -2.99 3.85
CA GLN B 327 -24.63 -4.03 3.72
C GLN B 327 -24.55 -5.06 4.83
N LEU B 328 -23.34 -5.38 5.30
CA LEU B 328 -23.21 -6.23 6.48
C LEU B 328 -24.05 -5.69 7.63
N GLN B 329 -23.93 -4.38 7.90
CA GLN B 329 -24.60 -3.82 9.06
C GLN B 329 -26.12 -3.77 8.87
N VAL B 330 -26.59 -3.43 7.66
CA VAL B 330 -28.04 -3.30 7.46
C VAL B 330 -28.71 -4.67 7.51
N LEU B 331 -28.09 -5.69 6.90
CA LEU B 331 -28.65 -7.03 6.99
C LEU B 331 -28.63 -7.61 8.39
N SER B 332 -27.87 -7.03 9.32
CA SER B 332 -27.90 -7.45 10.70
C SER B 332 -28.90 -6.67 11.54
N ASN B 333 -29.27 -5.48 11.10
CA ASN B 333 -30.36 -4.71 11.73
C ASN B 333 -31.71 -5.37 11.44
N LYS B 334 -32.51 -5.60 12.49
CA LYS B 334 -33.82 -6.20 12.26
C LYS B 334 -34.87 -5.17 11.87
N ALA B 335 -34.52 -3.89 11.78
CA ALA B 335 -35.46 -3.05 11.02
C ALA B 335 -35.79 -3.69 9.67
N ILE B 336 -34.88 -4.51 9.12
CA ILE B 336 -34.99 -5.13 7.80
C ILE B 336 -35.90 -6.35 7.86
N GLY B 337 -36.89 -6.38 6.97
CA GLY B 337 -37.76 -7.52 6.86
C GLY B 337 -37.39 -8.48 5.75
N CYS B 338 -36.96 -7.99 4.60
CA CYS B 338 -36.52 -8.89 3.54
C CYS B 338 -35.53 -8.17 2.62
N PHE B 339 -34.94 -8.94 1.73
CA PHE B 339 -33.83 -8.48 0.90
C PHE B 339 -34.17 -8.86 -0.54
N LEU B 340 -34.40 -7.86 -1.38
CA LEU B 340 -34.56 -8.09 -2.81
C LEU B 340 -33.19 -7.93 -3.44
N THR B 341 -32.68 -9.01 -3.99
CA THR B 341 -31.27 -9.19 -4.24
C THR B 341 -31.03 -9.80 -5.61
N HIS B 342 -29.99 -9.31 -6.29
CA HIS B 342 -29.57 -9.93 -7.54
C HIS B 342 -28.97 -11.31 -7.33
N CYS B 343 -28.82 -11.77 -6.08
CA CYS B 343 -28.31 -13.12 -5.78
C CYS B 343 -26.83 -13.28 -6.10
N GLY B 344 -26.04 -12.20 -6.01
CA GLY B 344 -24.60 -12.38 -5.94
C GLY B 344 -24.21 -13.26 -4.76
N TRP B 345 -23.22 -14.14 -4.98
CA TRP B 345 -22.88 -15.15 -3.97
C TRP B 345 -22.57 -14.52 -2.61
N ASN B 346 -21.83 -13.41 -2.58
CA ASN B 346 -21.56 -12.79 -1.29
C ASN B 346 -22.86 -12.29 -0.68
N SER B 347 -23.68 -11.57 -1.45
CA SER B 347 -24.96 -11.08 -0.89
C SER B 347 -25.83 -12.24 -0.41
N THR B 348 -25.84 -13.36 -1.15
CA THR B 348 -26.61 -14.54 -0.75
C THR B 348 -26.19 -15.06 0.62
N MET B 349 -24.94 -15.52 0.73
CA MET B 349 -24.45 -16.08 1.98
C MET B 349 -24.60 -15.10 3.13
N GLU B 350 -24.38 -13.81 2.87
CA GLU B 350 -24.58 -12.80 3.90
C GLU B 350 -26.02 -12.79 4.39
N ALA B 351 -27.00 -12.91 3.48
CA ALA B 351 -28.39 -12.92 3.94
C ALA B 351 -28.71 -14.21 4.70
N LEU B 352 -28.12 -15.34 4.29
CA LEU B 352 -28.35 -16.60 4.98
C LEU B 352 -27.91 -16.52 6.43
N THR B 353 -26.64 -16.16 6.64
CA THR B 353 -26.11 -16.13 7.99
C THR B 353 -26.77 -15.05 8.85
N PHE B 354 -27.41 -14.06 8.23
CA PHE B 354 -28.18 -13.08 8.98
C PHE B 354 -29.67 -13.37 8.95
N GLY B 355 -30.09 -14.48 8.36
CA GLY B 355 -31.47 -14.94 8.49
C GLY B 355 -32.50 -14.02 7.88
N VAL B 356 -32.11 -13.21 6.91
CA VAL B 356 -33.07 -12.36 6.20
C VAL B 356 -33.70 -13.16 5.07
N PRO B 357 -35.01 -13.12 4.91
CA PRO B 357 -35.62 -13.82 3.76
C PRO B 357 -35.41 -13.00 2.50
N MET B 358 -35.16 -13.70 1.40
CA MET B 358 -34.83 -13.04 0.15
C MET B 358 -35.97 -13.12 -0.85
N VAL B 359 -36.19 -12.06 -1.60
CA VAL B 359 -36.88 -12.19 -2.87
C VAL B 359 -35.79 -12.08 -3.93
N ALA B 360 -35.53 -13.19 -4.57
CA ALA B 360 -34.41 -13.34 -5.47
C ALA B 360 -34.76 -12.79 -6.85
N MET B 361 -34.01 -11.78 -7.30
CA MET B 361 -34.13 -11.22 -8.65
C MET B 361 -32.81 -11.32 -9.41
N PRO B 362 -32.39 -12.51 -9.81
CA PRO B 362 -31.10 -12.65 -10.52
C PRO B 362 -31.09 -11.90 -11.83
N GLN B 363 -29.88 -11.61 -12.33
CA GLN B 363 -29.67 -10.93 -13.60
C GLN B 363 -28.89 -11.75 -14.61
N TRP B 364 -27.77 -12.35 -14.21
CA TRP B 364 -26.88 -13.05 -15.13
C TRP B 364 -25.90 -13.89 -14.30
N THR B 365 -24.66 -13.97 -14.76
CA THR B 365 -23.78 -15.14 -14.75
C THR B 365 -24.15 -16.30 -13.84
N ASP B 366 -23.96 -16.26 -12.52
CA ASP B 366 -24.28 -17.44 -11.72
C ASP B 366 -25.46 -17.17 -10.80
N GLN B 367 -26.09 -16.00 -10.96
CA GLN B 367 -27.17 -15.55 -10.10
C GLN B 367 -28.45 -16.37 -10.26
N PRO B 368 -28.78 -16.90 -11.44
CA PRO B 368 -29.99 -17.76 -11.48
C PRO B 368 -29.84 -19.05 -10.69
N MET B 369 -28.65 -19.67 -10.71
CA MET B 369 -28.41 -20.85 -9.88
C MET B 369 -28.57 -20.50 -8.41
N ASN B 370 -27.91 -19.43 -7.97
CA ASN B 370 -28.09 -19.02 -6.59
C ASN B 370 -29.57 -18.81 -6.29
N ALA B 371 -30.33 -18.30 -7.26
CA ALA B 371 -31.75 -18.06 -7.06
C ALA B 371 -32.49 -19.36 -6.81
N LYS B 372 -32.29 -20.36 -7.68
CA LYS B 372 -32.93 -21.66 -7.46
C LYS B 372 -32.65 -22.17 -6.06
N TYR B 373 -31.38 -22.18 -5.66
CA TYR B 373 -31.02 -22.78 -4.37
C TYR B 373 -31.61 -21.99 -3.22
N ILE B 374 -31.76 -20.67 -3.38
CA ILE B 374 -32.36 -19.84 -2.36
C ILE B 374 -33.80 -20.25 -2.10
N GLN B 375 -34.53 -20.64 -3.14
CA GLN B 375 -35.93 -21.00 -2.96
C GLN B 375 -36.14 -22.50 -2.78
N ASP B 376 -35.56 -23.34 -3.65
CA ASP B 376 -35.93 -24.75 -3.66
C ASP B 376 -35.01 -25.64 -2.81
N VAL B 377 -33.83 -25.17 -2.43
CA VAL B 377 -32.89 -25.96 -1.64
C VAL B 377 -32.76 -25.41 -0.22
N TRP B 378 -32.26 -24.19 -0.09
CA TRP B 378 -32.18 -23.64 1.25
C TRP B 378 -33.51 -23.11 1.73
N LYS B 379 -34.53 -23.13 0.86
CA LYS B 379 -35.87 -22.64 1.13
C LYS B 379 -35.81 -21.38 1.99
N ALA B 380 -35.07 -20.40 1.45
CA ALA B 380 -34.79 -19.14 2.12
C ALA B 380 -35.34 -17.94 1.36
N GLY B 381 -36.09 -18.16 0.29
CA GLY B 381 -36.75 -17.05 -0.38
C GLY B 381 -37.60 -17.54 -1.51
N VAL B 382 -38.01 -16.60 -2.35
CA VAL B 382 -38.89 -16.86 -3.49
C VAL B 382 -38.32 -16.16 -4.71
N ARG B 383 -38.33 -16.85 -5.86
CA ARG B 383 -37.88 -16.22 -7.08
C ARG B 383 -39.02 -15.45 -7.75
N VAL B 384 -38.77 -14.18 -8.07
CA VAL B 384 -39.63 -13.35 -8.90
C VAL B 384 -39.94 -14.12 -10.18
N LYS B 385 -41.09 -13.83 -10.77
CA LYS B 385 -41.39 -14.32 -12.09
C LYS B 385 -41.07 -13.24 -13.11
N THR B 386 -40.54 -13.66 -14.23
CA THR B 386 -40.31 -12.74 -15.32
C THR B 386 -40.89 -13.24 -16.63
N GLU B 387 -41.15 -12.32 -17.55
CA GLU B 387 -41.79 -12.71 -18.81
C GLU B 387 -40.82 -13.48 -19.70
N LYS B 388 -41.37 -14.36 -20.52
CA LYS B 388 -40.54 -15.17 -21.42
C LYS B 388 -39.83 -14.30 -22.46
N GLU B 389 -40.59 -13.55 -23.26
CA GLU B 389 -40.01 -12.88 -24.43
C GLU B 389 -39.07 -11.75 -24.05
N SER B 390 -39.12 -11.23 -22.84
CA SER B 390 -38.30 -10.09 -22.48
C SER B 390 -37.50 -10.24 -21.19
N GLY B 391 -37.83 -11.17 -20.32
CA GLY B 391 -36.97 -11.34 -19.16
C GLY B 391 -37.05 -10.25 -18.12
N ILE B 392 -38.08 -9.38 -18.17
CA ILE B 392 -38.27 -8.33 -17.19
C ILE B 392 -39.20 -8.81 -16.07
N ALA B 393 -38.83 -8.49 -14.83
CA ALA B 393 -39.73 -8.64 -13.70
C ALA B 393 -40.61 -7.40 -13.63
N LYS B 394 -41.92 -7.58 -13.84
CA LYS B 394 -42.85 -6.46 -13.88
C LYS B 394 -43.35 -6.17 -12.44
N ARG B 395 -43.67 -4.90 -12.17
CA ARG B 395 -43.81 -4.43 -10.78
C ARG B 395 -44.73 -5.30 -9.95
N GLU B 396 -45.84 -5.77 -10.50
CA GLU B 396 -46.78 -6.44 -9.63
C GLU B 396 -46.33 -7.84 -9.28
N GLU B 397 -45.54 -8.49 -10.14
CA GLU B 397 -44.96 -9.77 -9.76
C GLU B 397 -43.83 -9.62 -8.75
N ILE B 398 -43.14 -8.48 -8.79
CA ILE B 398 -42.24 -8.14 -7.69
C ILE B 398 -43.03 -7.96 -6.40
N GLU B 399 -43.96 -7.00 -6.40
CA GLU B 399 -44.78 -6.73 -5.23
C GLU B 399 -45.43 -8.00 -4.69
N PHE B 400 -45.86 -8.89 -5.58
CA PHE B 400 -46.35 -10.21 -5.17
C PHE B 400 -45.31 -10.92 -4.31
N SER B 401 -44.08 -11.02 -4.81
CA SER B 401 -43.06 -11.80 -4.13
C SER B 401 -42.65 -11.17 -2.80
N ILE B 402 -42.49 -9.84 -2.75
CA ILE B 402 -42.15 -9.18 -1.49
C ILE B 402 -43.19 -9.52 -0.42
N LYS B 403 -44.47 -9.35 -0.76
CA LYS B 403 -45.52 -9.68 0.20
C LYS B 403 -45.47 -11.16 0.58
N GLU B 404 -45.18 -12.05 -0.37
CA GLU B 404 -45.14 -13.48 -0.08
C GLU B 404 -44.14 -13.82 1.02
N VAL B 405 -43.08 -13.02 1.19
CA VAL B 405 -42.10 -13.29 2.23
C VAL B 405 -42.24 -12.37 3.43
N MET B 406 -43.08 -11.34 3.36
CA MET B 406 -43.36 -10.54 4.55
C MET B 406 -44.56 -11.11 5.34
N GLU B 407 -45.63 -11.47 4.65
CA GLU B 407 -46.80 -12.12 5.24
C GLU B 407 -47.03 -13.47 4.57
N GLY B 408 -47.85 -14.29 5.22
CA GLY B 408 -48.56 -15.33 4.49
C GLY B 408 -48.25 -16.71 5.02
N GLU B 409 -48.57 -17.70 4.18
CA GLU B 409 -48.51 -19.12 4.53
C GLU B 409 -47.09 -19.68 4.39
N ARG B 410 -46.45 -19.41 3.25
CA ARG B 410 -45.07 -19.83 3.03
C ARG B 410 -44.05 -18.87 3.65
N SER B 411 -44.51 -17.74 4.21
CA SER B 411 -43.61 -16.74 4.79
C SER B 411 -43.06 -17.16 6.14
N LYS B 412 -43.86 -17.81 6.96
CA LYS B 412 -43.42 -18.20 8.30
C LYS B 412 -42.67 -19.54 8.29
N GLU B 413 -42.96 -20.39 7.30
CA GLU B 413 -42.30 -21.69 7.18
C GLU B 413 -40.81 -21.55 6.81
N MET B 414 -40.49 -20.60 5.94
CA MET B 414 -39.12 -20.40 5.49
C MET B 414 -38.30 -19.50 6.43
N LYS B 415 -38.91 -18.44 6.97
CA LYS B 415 -38.13 -17.41 7.65
C LYS B 415 -37.58 -17.87 8.99
N LYS B 416 -37.92 -19.08 9.43
CA LYS B 416 -37.28 -19.68 10.59
C LYS B 416 -36.40 -20.87 10.23
N ASN B 417 -36.57 -21.41 9.02
CA ASN B 417 -35.67 -22.45 8.52
C ASN B 417 -34.23 -21.93 8.45
N VAL B 418 -34.04 -20.72 7.92
CA VAL B 418 -32.71 -20.24 7.57
C VAL B 418 -31.73 -20.26 8.73
N LYS B 419 -32.20 -20.40 9.98
CA LYS B 419 -31.29 -20.39 11.12
C LYS B 419 -30.55 -21.72 11.26
N LYS B 420 -31.08 -22.80 10.71
CA LYS B 420 -30.28 -24.01 10.59
C LYS B 420 -28.96 -23.69 9.88
N TRP B 421 -28.98 -22.76 8.93
CA TRP B 421 -27.79 -22.45 8.15
C TRP B 421 -26.80 -21.60 8.92
N ARG B 422 -27.26 -20.50 9.54
CA ARG B 422 -26.33 -19.73 10.34
C ARG B 422 -25.57 -20.61 11.32
N ASP B 423 -26.23 -21.60 11.90
CA ASP B 423 -25.57 -22.39 12.94
C ASP B 423 -24.62 -23.43 12.35
N LEU B 424 -24.96 -24.00 11.19
CA LEU B 424 -24.02 -24.87 10.51
C LEU B 424 -22.73 -24.12 10.17
N ALA B 425 -22.85 -22.84 9.82
CA ALA B 425 -21.66 -22.08 9.43
C ALA B 425 -20.80 -21.79 10.65
N VAL B 426 -21.42 -21.32 11.72
CA VAL B 426 -20.70 -21.14 12.97
C VAL B 426 -20.05 -22.45 13.38
N LYS B 427 -20.77 -23.55 13.25
CA LYS B 427 -20.16 -24.83 13.58
C LYS B 427 -18.98 -25.13 12.67
N SER B 428 -19.13 -24.90 11.37
CA SER B 428 -18.05 -25.19 10.43
C SER B 428 -16.84 -24.30 10.68
N LEU B 429 -17.07 -23.04 11.05
CA LEU B 429 -15.96 -22.14 11.33
C LEU B 429 -15.30 -22.44 12.67
N ASN B 430 -16.06 -22.88 13.65
CA ASN B 430 -15.51 -23.13 14.96
C ASN B 430 -14.62 -24.37 14.93
N GLU B 431 -13.83 -24.53 15.99
CA GLU B 431 -12.92 -25.67 16.12
C GLU B 431 -13.62 -26.97 15.79
N GLY B 432 -12.97 -27.80 14.99
CA GLY B 432 -13.57 -29.05 14.58
C GLY B 432 -14.52 -28.96 13.41
N GLY B 433 -14.84 -27.75 12.94
CA GLY B 433 -15.68 -27.62 11.77
C GLY B 433 -14.99 -28.12 10.51
N SER B 434 -15.77 -28.27 9.45
CA SER B 434 -15.17 -28.66 8.19
C SER B 434 -14.32 -27.52 7.62
N THR B 435 -14.82 -26.30 7.72
CA THR B 435 -14.00 -25.18 7.27
C THR B 435 -12.81 -24.96 8.18
N ASP B 436 -12.99 -25.09 9.49
CA ASP B 436 -11.86 -24.84 10.37
C ASP B 436 -10.78 -25.89 10.14
N THR B 437 -11.19 -27.15 9.94
CA THR B 437 -10.20 -28.19 9.69
C THR B 437 -9.50 -27.95 8.36
N ASN B 438 -10.29 -27.82 7.27
CA ASN B 438 -9.75 -27.58 5.93
C ASN B 438 -8.74 -26.44 5.90
N ILE B 439 -9.09 -25.30 6.48
CA ILE B 439 -8.16 -24.19 6.52
C ILE B 439 -6.86 -24.61 7.17
N ASP B 440 -6.92 -25.40 8.24
CA ASP B 440 -5.68 -25.81 8.89
C ASP B 440 -4.85 -26.71 7.99
N THR B 441 -5.52 -27.51 7.16
CA THR B 441 -4.81 -28.41 6.25
C THR B 441 -3.99 -27.64 5.24
N PHE B 442 -4.62 -26.69 4.55
CA PHE B 442 -3.90 -25.72 3.73
C PHE B 442 -2.77 -25.04 4.50
N VAL B 443 -3.07 -24.51 5.69
CA VAL B 443 -2.05 -23.82 6.45
C VAL B 443 -0.92 -24.77 6.83
N SER B 444 -1.23 -26.07 7.01
CA SER B 444 -0.18 -27.05 7.27
C SER B 444 0.77 -27.13 6.10
N ARG B 445 0.23 -27.35 4.90
CA ARG B 445 1.08 -27.50 3.72
C ARG B 445 1.93 -26.26 3.51
N VAL B 446 1.30 -25.08 3.48
CA VAL B 446 2.00 -23.84 3.13
C VAL B 446 3.18 -23.54 4.06
N GLN B 447 3.13 -23.99 5.31
CA GLN B 447 4.30 -23.91 6.18
C GLN B 447 5.08 -25.21 6.19
N SER B 448 5.46 -25.65 4.98
CA SER B 448 6.15 -26.92 4.70
C SER B 448 5.68 -28.06 5.58
C2 BGC C . 28.26 6.93 -7.63
C3 BGC C . 28.25 6.42 -6.20
C4 BGC C . 29.69 6.55 -5.58
C5 BGC C . 30.32 7.91 -5.95
C6 BGC C . 31.84 8.05 -5.55
C1 BGC C . 28.97 8.20 -7.80
O2 BGC C . 26.88 7.13 -8.03
O3 BGC C . 27.79 5.09 -6.10
O4 BGC C . 29.61 6.56 -4.17
O5 BGC C . 30.28 8.07 -7.35
O6 BGC C . 32.56 8.82 -6.42
N1 UDP D . 20.58 4.59 7.60
C2 UDP D . 20.08 3.46 8.35
N3 UDP D . 20.93 2.27 8.46
C4 UDP D . 22.24 2.21 7.85
C5 UDP D . 22.74 3.37 7.08
C6 UDP D . 21.87 4.57 6.96
O2 UDP D . 19.02 3.53 8.83
O4 UDP D . 22.90 1.23 7.97
C1' UDP D . 19.72 5.74 7.49
C2' UDP D . 20.31 7.03 8.10
O2' UDP D . 19.84 7.13 9.38
C3' UDP D . 19.77 8.07 7.16
C4' UDP D . 19.62 7.49 5.93
O4' UDP D . 19.62 5.93 6.18
O3' UDP D . 18.45 8.46 7.72
C5' UDP D . 20.77 7.70 5.01
O5' UDP D . 20.52 8.91 4.31
PA UDP D . 21.70 10.06 4.22
O1A UDP D . 22.60 9.88 5.39
O2A UDP D . 21.14 11.44 3.99
O3A UDP D . 22.64 9.64 2.93
PB UDP D . 22.27 8.98 1.48
O1B UDP D . 23.45 8.89 0.54
O2B UDP D . 21.15 9.83 0.95
O3B UDP D . 21.85 7.66 2.04
C1' SAL E . 20.53 11.89 -2.91
O1' SAL E . 20.85 12.15 -1.76
O2' SAL E . 19.69 10.89 -3.12
C1 SAL E . 21.13 12.76 -4.07
C2 SAL E . 21.19 12.36 -5.43
C3 SAL E . 21.76 13.22 -6.39
C4 SAL E . 22.26 14.42 -6.02
C5 SAL E . 22.21 14.81 -4.71
C6 SAL E . 21.64 13.95 -3.72
O2 SAL E . 20.69 11.14 -5.90
C2 BGC F . -23.97 -6.91 -18.14
C3 BGC F . -24.55 -6.88 -16.74
C4 BGC F . -26.08 -7.10 -16.75
C5 BGC F . -26.41 -8.27 -17.70
C6 BGC F . -27.94 -8.55 -17.91
C1 BGC F . -24.59 -7.78 -19.17
O2 BGC F . -22.60 -7.32 -17.96
O3 BGC F . -24.35 -5.65 -16.09
O4 BGC F . -26.46 -7.36 -15.40
O5 BGC F . -25.98 -7.96 -19.01
O6 BGC F . -28.32 -7.90 -19.05
N1 UDP G . -22.40 -4.51 -0.95
C2 UDP G . -22.28 -3.41 -0.01
N3 UDP G . -23.09 -2.23 -0.25
C4 UDP G . -23.99 -2.11 -1.38
C5 UDP G . -24.10 -3.23 -2.35
C6 UDP G . -23.28 -4.45 -2.11
O2 UDP G . -21.57 -3.52 0.90
O4 UDP G . -24.62 -1.11 -1.52
C1' UDP G . -21.56 -5.65 -0.66
C2' UDP G . -22.31 -6.98 -0.33
O2' UDP G . -22.40 -7.05 1.05
C3' UDP G . -21.38 -7.97 -1.00
C4' UDP G . -20.76 -7.36 -2.06
O4' UDP G . -20.91 -5.81 -1.81
O3' UDP G . -20.31 -8.39 -0.08
C5' UDP G . -21.41 -7.65 -3.38
O5' UDP G . -20.86 -8.90 -3.80
PA UDP G . -21.83 -10.03 -4.50
O1A UDP G . -23.08 -10.16 -3.67
O2A UDP G . -21.11 -11.33 -4.67
O3A UDP G . -22.33 -9.42 -5.95
PB UDP G . -21.54 -8.85 -7.28
O1B UDP G . -21.31 -7.41 -6.86
O2B UDP G . -22.38 -8.94 -8.55
O3B UDP G . -20.26 -9.68 -7.33
C1' SAL H . -17.90 -11.15 -10.73
O1' SAL H . -17.14 -10.08 -10.74
O2' SAL H . -18.57 -11.40 -9.75
C1 SAL H . -18.01 -12.14 -11.96
C2 SAL H . -17.44 -11.92 -13.25
C3 SAL H . -17.63 -12.90 -14.25
C4 SAL H . -18.35 -14.01 -14.01
C5 SAL H . -18.90 -14.23 -12.77
C6 SAL H . -18.72 -13.25 -11.74
O2 SAL H . -16.68 -10.79 -13.58
#